data_1DL0
#
_entry.id   1DL0
#
_cell.length_a   1.000
_cell.length_b   1.000
_cell.length_c   1.000
_cell.angle_alpha   90.00
_cell.angle_beta   90.00
_cell.angle_gamma   90.00
#
_symmetry.space_group_name_H-M   'P 1'
#
_entity_poly.entity_id   1
_entity_poly.type   'polypeptide(L)'
_entity_poly.pdbx_seq_one_letter_code
;AICTGADRPCAACCPCCPGTSCKAESNGVSYCRKDEP
;
_entity_poly.pdbx_strand_id   A
#
# COMPACT_ATOMS: atom_id res chain seq x y z
N ALA A 1 -3.57 -2.20 7.11
CA ALA A 1 -3.47 -2.67 5.69
C ALA A 1 -2.00 -2.82 5.31
N ILE A 2 -1.71 -3.58 4.29
CA ILE A 2 -0.29 -3.76 3.86
C ILE A 2 0.26 -2.44 3.33
N CYS A 3 1.54 -2.22 3.51
CA CYS A 3 2.16 -0.95 3.04
C CYS A 3 3.30 -1.28 2.07
N THR A 4 3.90 -0.26 1.49
CA THR A 4 5.02 -0.49 0.54
C THR A 4 6.31 -0.71 1.33
N GLY A 5 6.87 0.33 1.91
CA GLY A 5 8.12 0.19 2.70
C GLY A 5 9.10 1.30 2.32
N ALA A 6 9.81 1.82 3.30
CA ALA A 6 10.80 2.91 3.04
C ALA A 6 11.75 2.50 1.91
N ASP A 7 12.46 3.46 1.38
CA ASP A 7 13.43 3.18 0.28
C ASP A 7 12.78 2.35 -0.85
N ARG A 8 11.48 2.44 -0.99
CA ARG A 8 10.80 1.66 -2.07
C ARG A 8 9.85 2.62 -2.83
N PRO A 9 9.48 2.26 -4.05
CA PRO A 9 8.58 3.09 -4.91
C PRO A 9 7.13 2.98 -4.45
N CYS A 10 6.50 4.10 -4.17
CA CYS A 10 5.06 4.08 -3.71
C CYS A 10 4.21 3.30 -4.72
N ALA A 11 2.97 3.02 -4.37
CA ALA A 11 2.09 2.26 -5.30
C ALA A 11 0.76 2.99 -5.46
N ALA A 12 0.04 2.72 -6.52
CA ALA A 12 -1.28 3.38 -6.76
C ALA A 12 -2.17 3.26 -5.52
N CYS A 13 -2.58 2.05 -5.19
CA CYS A 13 -3.46 1.85 -3.99
C CYS A 13 -2.86 2.54 -2.75
N CYS A 14 -1.59 2.36 -2.52
CA CYS A 14 -1.14 2.00 -1.15
C CYS A 14 -0.14 3.05 -0.65
N PRO A 15 -0.28 3.47 0.60
CA PRO A 15 0.62 4.48 1.22
C PRO A 15 1.87 3.80 1.77
N CYS A 16 2.86 4.57 2.16
CA CYS A 16 4.10 3.97 2.71
C CYS A 16 3.81 3.41 4.11
N CYS A 17 4.65 2.52 4.59
CA CYS A 17 4.46 1.92 5.94
C CYS A 17 4.39 3.04 7.00
N PRO A 18 3.95 2.70 8.21
CA PRO A 18 3.86 3.70 9.33
C PRO A 18 5.27 4.09 9.80
N GLY A 19 5.66 5.30 9.49
CA GLY A 19 7.02 5.77 9.86
C GLY A 19 7.68 6.35 8.60
N THR A 20 7.41 5.72 7.49
CA THR A 20 7.96 6.20 6.19
C THR A 20 6.86 7.02 5.49
N SER A 21 7.24 7.91 4.62
CA SER A 21 6.21 8.75 3.92
C SER A 21 6.47 8.79 2.41
N CYS A 22 5.42 8.89 1.63
CA CYS A 22 5.59 8.94 0.15
C CYS A 22 5.96 10.35 -0.27
N LYS A 23 6.96 10.48 -1.09
CA LYS A 23 7.39 11.83 -1.55
C LYS A 23 7.80 11.75 -3.03
N ALA A 24 7.19 12.56 -3.86
CA ALA A 24 7.52 12.54 -5.31
C ALA A 24 8.88 13.22 -5.53
N GLU A 25 9.48 13.00 -6.68
CA GLU A 25 10.79 13.61 -6.97
C GLU A 25 10.72 14.36 -8.30
N SER A 26 11.80 14.96 -8.71
CA SER A 26 11.82 15.71 -9.99
C SER A 26 11.77 14.72 -11.15
N ASN A 27 12.35 13.56 -10.99
CA ASN A 27 12.34 12.53 -12.07
C ASN A 27 10.91 12.19 -12.49
N GLY A 28 9.95 12.48 -11.65
CA GLY A 28 8.53 12.17 -11.99
C GLY A 28 8.04 10.96 -11.19
N VAL A 29 8.94 10.16 -10.68
CA VAL A 29 8.52 8.95 -9.90
C VAL A 29 8.60 9.27 -8.40
N SER A 30 7.74 8.67 -7.63
CA SER A 30 7.74 8.93 -6.17
C SER A 30 8.18 7.67 -5.42
N TYR A 31 8.92 7.83 -4.34
CA TYR A 31 9.37 6.66 -3.55
C TYR A 31 9.18 6.96 -2.06
N CYS A 32 9.09 5.95 -1.25
CA CYS A 32 8.93 6.17 0.21
C CYS A 32 10.32 6.41 0.80
N ARG A 33 10.38 7.08 1.91
CA ARG A 33 11.69 7.35 2.56
C ARG A 33 11.42 7.48 4.06
N LYS A 34 12.12 6.75 4.87
CA LYS A 34 11.89 6.83 6.34
C LYS A 34 12.02 8.28 6.83
N ASP A 35 11.27 8.63 7.84
CA ASP A 35 11.32 10.02 8.39
C ASP A 35 12.75 10.38 8.80
N GLU A 36 13.05 11.64 8.91
CA GLU A 36 14.43 12.06 9.31
C GLU A 36 14.35 12.84 10.63
N PRO A 37 15.49 13.02 11.28
CA PRO A 37 15.60 13.76 12.58
C PRO A 37 15.76 15.27 12.33
N ALA A 1 -1.32 -3.98 7.86
CA ALA A 1 -1.30 -3.23 6.57
C ALA A 1 0.07 -3.41 5.90
N ILE A 2 0.09 -4.04 4.75
CA ILE A 2 1.38 -4.24 4.04
C ILE A 2 1.85 -2.91 3.43
N CYS A 3 3.12 -2.78 3.17
CA CYS A 3 3.65 -1.51 2.59
C CYS A 3 4.24 -1.79 1.21
N THR A 4 4.68 -0.77 0.53
CA THR A 4 5.28 -0.96 -0.82
C THR A 4 6.73 -1.44 -0.68
N GLY A 5 7.63 -0.58 -0.30
CA GLY A 5 9.05 -0.97 -0.14
C GLY A 5 9.96 0.09 -0.73
N ALA A 6 11.05 0.38 -0.07
CA ALA A 6 12.01 1.42 -0.57
C ALA A 6 12.39 1.12 -2.02
N ASP A 7 12.93 2.10 -2.70
CA ASP A 7 13.37 1.92 -4.11
C ASP A 7 12.25 1.31 -4.97
N ARG A 8 11.02 1.50 -4.57
CA ARG A 8 9.87 0.94 -5.35
C ARG A 8 8.84 2.07 -5.58
N PRO A 9 7.98 1.92 -6.57
CA PRO A 9 6.93 2.93 -6.92
C PRO A 9 5.77 2.88 -5.91
N CYS A 10 5.44 4.01 -5.33
CA CYS A 10 4.32 4.06 -4.35
C CYS A 10 3.05 3.46 -4.96
N ALA A 11 2.04 3.22 -4.16
CA ALA A 11 0.78 2.63 -4.70
C ALA A 11 -0.43 3.44 -4.21
N ALA A 12 -1.52 3.37 -4.93
CA ALA A 12 -2.75 4.12 -4.53
C ALA A 12 -3.13 3.81 -3.07
N CYS A 13 -3.48 2.58 -2.79
CA CYS A 13 -3.86 2.19 -1.40
C CYS A 13 -2.79 2.64 -0.40
N CYS A 14 -1.55 2.44 -0.71
CA CYS A 14 -0.60 1.89 0.30
C CYS A 14 0.60 2.83 0.44
N PRO A 15 0.98 3.15 1.65
CA PRO A 15 2.14 4.06 1.93
C PRO A 15 3.45 3.26 1.91
N CYS A 16 4.56 3.94 1.94
CA CYS A 16 5.87 3.24 1.93
C CYS A 16 6.08 2.53 3.27
N CYS A 17 6.94 1.55 3.30
CA CYS A 17 7.20 0.80 4.57
C CYS A 17 7.67 1.79 5.67
N PRO A 18 7.68 1.34 6.91
CA PRO A 18 8.12 2.20 8.07
C PRO A 18 9.64 2.42 7.99
N GLY A 19 10.03 3.58 7.53
CA GLY A 19 11.49 3.89 7.39
C GLY A 19 11.67 4.60 6.05
N THR A 20 10.95 4.15 5.06
CA THR A 20 11.01 4.76 3.70
C THR A 20 9.82 5.70 3.55
N SER A 21 9.92 6.68 2.68
CA SER A 21 8.78 7.64 2.51
C SER A 21 8.47 7.83 1.02
N CYS A 22 7.24 8.16 0.69
CA CYS A 22 6.87 8.37 -0.73
C CYS A 22 7.26 9.79 -1.14
N LYS A 23 7.92 9.91 -2.25
CA LYS A 23 8.35 11.26 -2.73
C LYS A 23 8.22 11.31 -4.26
N ALA A 24 7.54 12.31 -4.76
CA ALA A 24 7.36 12.42 -6.24
C ALA A 24 8.70 12.79 -6.88
N GLU A 25 8.82 12.61 -8.17
CA GLU A 25 10.09 12.94 -8.86
C GLU A 25 9.80 13.84 -10.06
N SER A 26 10.83 14.24 -10.76
CA SER A 26 10.65 15.12 -11.94
C SER A 26 10.02 14.31 -13.08
N ASN A 27 10.33 13.04 -13.16
CA ASN A 27 9.76 12.19 -14.25
C ASN A 27 8.22 12.21 -14.19
N GLY A 28 7.66 12.57 -13.07
CA GLY A 28 6.17 12.61 -12.96
C GLY A 28 5.68 11.44 -12.09
N VAL A 29 6.48 10.42 -11.93
CA VAL A 29 6.05 9.25 -11.11
C VAL A 29 6.67 9.36 -9.72
N SER A 30 6.00 8.82 -8.73
CA SER A 30 6.52 8.89 -7.34
C SER A 30 7.01 7.52 -6.90
N TYR A 31 8.11 7.47 -6.18
CA TYR A 31 8.65 6.17 -5.70
C TYR A 31 9.08 6.31 -4.25
N CYS A 32 9.13 5.22 -3.52
CA CYS A 32 9.56 5.30 -2.10
C CYS A 32 11.08 5.27 -2.07
N ARG A 33 11.66 5.80 -1.03
CA ARG A 33 13.14 5.81 -0.91
C ARG A 33 13.45 5.79 0.59
N LYS A 34 14.25 4.85 1.02
CA LYS A 34 14.58 4.77 2.48
C LYS A 34 15.16 6.10 2.97
N ASP A 35 14.37 6.84 3.71
CA ASP A 35 14.84 8.15 4.24
C ASP A 35 16.06 7.94 5.14
N GLU A 36 16.55 8.99 5.73
CA GLU A 36 17.74 8.87 6.64
C GLU A 36 17.74 10.02 7.64
N PRO A 37 16.98 9.88 8.71
CA PRO A 37 16.86 10.91 9.79
C PRO A 37 17.96 10.72 10.84
N ALA A 1 -3.80 -6.36 4.43
CA ALA A 1 -3.14 -5.24 3.71
C ALA A 1 -1.71 -5.65 3.35
N ILE A 2 -0.92 -4.72 2.85
CA ILE A 2 0.49 -5.04 2.47
C ILE A 2 1.37 -5.01 3.72
N CYS A 3 2.45 -5.74 3.72
CA CYS A 3 3.35 -5.76 4.89
C CYS A 3 4.74 -5.25 4.48
N THR A 4 5.62 -5.08 5.42
CA THR A 4 7.00 -4.59 5.10
C THR A 4 7.84 -5.74 4.54
N GLY A 5 8.24 -6.67 5.39
CA GLY A 5 9.06 -7.81 4.93
C GLY A 5 10.26 -8.00 5.84
N ALA A 6 10.62 -9.23 6.10
CA ALA A 6 11.79 -9.52 6.99
C ALA A 6 13.02 -8.74 6.51
N ASP A 7 14.02 -8.66 7.34
CA ASP A 7 15.29 -7.94 6.98
C ASP A 7 14.98 -6.54 6.41
N ARG A 8 13.86 -5.97 6.78
CA ARG A 8 13.51 -4.60 6.28
C ARG A 8 13.08 -3.74 7.48
N PRO A 9 13.15 -2.42 7.32
CA PRO A 9 12.77 -1.45 8.41
C PRO A 9 11.24 -1.37 8.56
N CYS A 10 10.74 -1.52 9.77
CA CYS A 10 9.27 -1.44 10.01
C CYS A 10 8.73 -0.10 9.48
N ALA A 11 7.44 0.08 9.49
CA ALA A 11 6.85 1.36 9.00
C ALA A 11 5.74 1.82 9.95
N ALA A 12 5.45 3.09 9.95
CA ALA A 12 4.37 3.64 10.84
C ALA A 12 3.07 2.84 10.66
N CYS A 13 2.48 2.91 9.49
CA CYS A 13 1.20 2.17 9.23
C CYS A 13 1.34 0.69 9.63
N CYS A 14 2.42 0.08 9.26
CA CYS A 14 2.33 -1.28 8.67
C CYS A 14 3.19 -2.26 9.48
N PRO A 15 2.65 -3.42 9.82
CA PRO A 15 3.40 -4.45 10.62
C PRO A 15 4.24 -5.31 9.67
N CYS A 16 5.09 -6.14 10.22
CA CYS A 16 5.94 -7.01 9.37
C CYS A 16 5.07 -8.09 8.73
N CYS A 17 5.53 -8.67 7.64
CA CYS A 17 4.76 -9.74 6.94
C CYS A 17 4.46 -10.88 7.92
N PRO A 18 3.55 -11.77 7.55
CA PRO A 18 3.18 -12.95 8.41
C PRO A 18 4.34 -13.95 8.44
N GLY A 19 5.00 -14.05 9.56
CA GLY A 19 6.17 -14.95 9.70
C GLY A 19 7.33 -14.13 10.28
N THR A 20 7.42 -12.90 9.86
CA THR A 20 8.48 -11.99 10.37
C THR A 20 7.84 -11.10 11.44
N SER A 21 8.64 -10.54 12.33
CA SER A 21 8.06 -9.68 13.40
C SER A 21 8.82 -8.36 13.53
N CYS A 22 8.18 -7.33 14.02
CA CYS A 22 8.87 -6.01 14.17
C CYS A 22 9.58 -5.97 15.52
N LYS A 23 10.80 -5.53 15.51
CA LYS A 23 11.60 -5.45 16.77
C LYS A 23 12.44 -4.17 16.74
N ALA A 24 13.17 -3.89 17.79
CA ALA A 24 14.02 -2.67 17.83
C ALA A 24 15.49 -3.06 17.91
N GLU A 25 16.37 -2.15 17.57
CA GLU A 25 17.82 -2.47 17.62
C GLU A 25 18.53 -1.44 18.50
N SER A 26 19.80 -1.61 18.70
CA SER A 26 20.58 -0.66 19.54
C SER A 26 20.73 0.67 18.81
N ASN A 27 20.83 0.62 17.50
CA ASN A 27 20.98 1.88 16.71
C ASN A 27 19.80 2.82 16.96
N GLY A 28 18.70 2.30 17.46
CA GLY A 28 17.51 3.17 17.74
C GLY A 28 16.42 2.93 16.68
N VAL A 29 16.75 2.31 15.57
CA VAL A 29 15.73 2.07 14.52
C VAL A 29 15.21 0.63 14.63
N SER A 30 13.98 0.42 14.27
CA SER A 30 13.40 -0.95 14.36
C SER A 30 13.34 -1.57 12.96
N TYR A 31 13.54 -2.85 12.89
CA TYR A 31 13.49 -3.56 11.57
C TYR A 31 12.79 -4.90 11.76
N CYS A 32 12.28 -5.48 10.70
CA CYS A 32 11.62 -6.80 10.81
C CYS A 32 12.68 -7.87 10.67
N ARG A 33 12.41 -9.04 11.19
CA ARG A 33 13.37 -10.15 11.08
C ARG A 33 12.56 -11.45 11.06
N LYS A 34 12.76 -12.28 10.08
CA LYS A 34 11.97 -13.54 10.01
C LYS A 34 12.15 -14.36 11.29
N ASP A 35 11.13 -14.40 12.11
CA ASP A 35 11.22 -15.16 13.40
C ASP A 35 11.54 -16.63 13.11
N GLU A 36 11.88 -17.38 14.13
CA GLU A 36 12.20 -18.82 13.94
C GLU A 36 11.54 -19.64 15.05
N PRO A 37 10.29 -20.02 14.85
CA PRO A 37 9.50 -20.82 15.83
C PRO A 37 9.74 -22.32 15.61
N ALA A 1 -6.39 -3.04 6.85
CA ALA A 1 -5.23 -3.04 5.92
C ALA A 1 -5.66 -3.65 4.57
N ILE A 2 -4.82 -3.54 3.57
CA ILE A 2 -5.16 -4.10 2.24
C ILE A 2 -5.35 -5.63 2.36
N CYS A 3 -6.13 -6.20 1.49
CA CYS A 3 -6.38 -7.67 1.55
C CYS A 3 -5.85 -8.32 0.27
N THR A 4 -5.81 -9.63 0.24
CA THR A 4 -5.30 -10.34 -0.98
C THR A 4 -6.42 -10.40 -2.02
N GLY A 5 -7.43 -11.21 -1.79
CA GLY A 5 -8.55 -11.31 -2.76
C GLY A 5 -8.89 -12.78 -3.00
N ALA A 6 -10.17 -13.08 -3.07
CA ALA A 6 -10.60 -14.49 -3.32
C ALA A 6 -9.91 -15.05 -4.56
N ASP A 7 -9.96 -16.34 -4.74
CA ASP A 7 -9.32 -16.97 -5.93
C ASP A 7 -7.85 -16.55 -6.05
N ARG A 8 -7.24 -16.14 -4.97
CA ARG A 8 -5.80 -15.72 -5.03
C ARG A 8 -5.05 -16.36 -3.85
N PRO A 9 -3.74 -16.44 -3.95
CA PRO A 9 -2.88 -17.06 -2.89
C PRO A 9 -2.74 -16.11 -1.68
N CYS A 10 -3.09 -16.57 -0.51
CA CYS A 10 -2.98 -15.71 0.72
C CYS A 10 -1.55 -15.17 0.84
N ALA A 11 -1.33 -14.29 1.78
CA ALA A 11 0.04 -13.71 1.96
C ALA A 11 0.46 -13.81 3.42
N ALA A 12 1.74 -13.76 3.69
CA ALA A 12 2.24 -13.85 5.10
C ALA A 12 1.50 -12.83 5.99
N CYS A 13 1.71 -11.56 5.74
CA CYS A 13 1.04 -10.50 6.56
C CYS A 13 -0.47 -10.76 6.64
N CYS A 14 -1.09 -11.05 5.53
CA CYS A 14 -2.36 -10.34 5.18
C CYS A 14 -3.49 -11.37 5.00
N PRO A 15 -4.67 -11.07 5.51
CA PRO A 15 -5.85 -11.98 5.39
C PRO A 15 -6.56 -11.75 4.06
N CYS A 16 -7.50 -12.60 3.72
CA CYS A 16 -8.23 -12.42 2.43
C CYS A 16 -9.22 -11.26 2.57
N CYS A 17 -9.66 -10.71 1.47
CA CYS A 17 -10.62 -9.58 1.50
C CYS A 17 -11.89 -10.00 2.26
N PRO A 18 -12.74 -9.05 2.62
CA PRO A 18 -14.01 -9.33 3.35
C PRO A 18 -14.98 -10.08 2.42
N GLY A 19 -15.55 -11.16 2.88
CA GLY A 19 -16.45 -11.97 2.02
C GLY A 19 -15.68 -13.20 1.56
N THR A 20 -14.39 -13.06 1.37
CA THR A 20 -13.53 -14.20 0.94
C THR A 20 -12.84 -14.74 2.19
N SER A 21 -12.25 -15.92 2.11
CA SER A 21 -11.57 -16.48 3.32
C SER A 21 -10.32 -17.29 2.93
N CYS A 22 -9.28 -17.19 3.71
CA CYS A 22 -8.04 -17.95 3.40
C CYS A 22 -8.30 -19.43 3.62
N LYS A 23 -7.70 -20.25 2.81
CA LYS A 23 -7.90 -21.73 2.93
C LYS A 23 -6.57 -22.43 2.68
N ALA A 24 -6.50 -23.72 2.87
CA ALA A 24 -5.23 -24.47 2.64
C ALA A 24 -5.48 -25.60 1.66
N GLU A 25 -4.47 -26.01 0.93
CA GLU A 25 -4.62 -27.11 -0.04
C GLU A 25 -3.66 -28.25 0.31
N SER A 26 -3.79 -29.34 -0.38
CA SER A 26 -2.89 -30.50 -0.12
C SER A 26 -1.48 -30.19 -0.61
N ASN A 27 -1.36 -29.47 -1.70
CA ASN A 27 -0.01 -29.12 -2.23
C ASN A 27 0.80 -28.35 -1.20
N GLY A 28 0.16 -27.79 -0.21
CA GLY A 28 0.90 -27.02 0.84
C GLY A 28 0.72 -25.52 0.65
N VAL A 29 0.13 -25.10 -0.46
CA VAL A 29 -0.07 -23.64 -0.68
C VAL A 29 -1.51 -23.27 -0.31
N SER A 30 -1.69 -22.10 0.25
CA SER A 30 -3.04 -21.66 0.66
C SER A 30 -3.56 -20.60 -0.31
N TYR A 31 -4.85 -20.60 -0.56
CA TYR A 31 -5.45 -19.60 -1.48
C TYR A 31 -6.80 -19.15 -0.93
N CYS A 32 -7.18 -17.94 -1.20
CA CYS A 32 -8.49 -17.43 -0.71
C CYS A 32 -9.59 -18.02 -1.58
N ARG A 33 -10.81 -17.93 -1.12
CA ARG A 33 -11.96 -18.45 -1.90
C ARG A 33 -13.17 -17.61 -1.52
N LYS A 34 -13.72 -16.89 -2.46
CA LYS A 34 -14.89 -16.01 -2.16
C LYS A 34 -16.03 -16.82 -1.56
N ASP A 35 -16.07 -16.94 -0.25
CA ASP A 35 -17.16 -17.70 0.41
C ASP A 35 -17.18 -17.38 1.91
N GLU A 36 -18.23 -17.73 2.59
CA GLU A 36 -18.32 -17.45 4.06
C GLU A 36 -17.47 -18.47 4.83
N PRO A 37 -17.15 -18.17 6.07
CA PRO A 37 -16.34 -19.05 6.96
C PRO A 37 -17.24 -20.04 7.69
N ALA A 1 -5.02 -4.62 5.24
CA ALA A 1 -3.87 -4.30 4.33
C ALA A 1 -3.75 -2.78 4.18
N ILE A 2 -2.65 -2.22 4.63
CA ILE A 2 -2.46 -0.75 4.51
C ILE A 2 -2.40 -0.36 3.03
N CYS A 3 -2.79 0.85 2.71
CA CYS A 3 -2.76 1.30 1.29
C CYS A 3 -1.82 2.50 1.16
N THR A 4 -1.57 2.94 -0.04
CA THR A 4 -0.66 4.10 -0.26
C THR A 4 -1.43 5.40 -0.01
N GLY A 5 -2.32 5.76 -0.91
CA GLY A 5 -3.11 7.01 -0.72
C GLY A 5 -3.07 7.85 -2.00
N ALA A 6 -4.17 8.50 -2.31
CA ALA A 6 -4.23 9.34 -3.54
C ALA A 6 -3.07 10.32 -3.58
N ASP A 7 -2.84 10.92 -4.72
CA ASP A 7 -1.73 11.91 -4.87
C ASP A 7 -0.40 11.35 -4.34
N ARG A 8 -0.26 10.04 -4.31
CA ARG A 8 1.01 9.43 -3.81
C ARG A 8 1.49 8.38 -4.82
N PRO A 9 2.76 8.05 -4.79
CA PRO A 9 3.37 7.05 -5.73
C PRO A 9 3.01 5.61 -5.32
N CYS A 10 2.42 4.85 -6.21
CA CYS A 10 2.04 3.44 -5.89
C CYS A 10 3.26 2.68 -5.35
N ALA A 11 3.07 1.48 -4.87
CA ALA A 11 4.21 0.69 -4.32
C ALA A 11 4.14 -0.75 -4.83
N ALA A 12 5.25 -1.44 -4.81
CA ALA A 12 5.29 -2.87 -5.29
C ALA A 12 4.19 -3.68 -4.61
N CYS A 13 4.29 -3.87 -3.31
CA CYS A 13 3.27 -4.67 -2.56
C CYS A 13 1.86 -4.16 -2.88
N CYS A 14 1.66 -2.87 -2.89
CA CYS A 14 0.46 -2.31 -2.21
C CYS A 14 -0.34 -1.47 -3.21
N PRO A 15 -1.65 -1.65 -3.25
CA PRO A 15 -2.55 -0.89 -4.16
C PRO A 15 -2.94 0.44 -3.53
N CYS A 16 -3.56 1.31 -4.29
CA CYS A 16 -3.96 2.63 -3.73
C CYS A 16 -5.12 2.43 -2.75
N CYS A 17 -5.32 3.37 -1.86
CA CYS A 17 -6.43 3.27 -0.86
C CYS A 17 -7.77 3.10 -1.59
N PRO A 18 -8.82 2.74 -0.88
CA PRO A 18 -10.18 2.56 -1.47
C PRO A 18 -10.75 3.94 -1.88
N GLY A 19 -10.99 4.11 -3.15
CA GLY A 19 -11.49 5.41 -3.66
C GLY A 19 -10.46 5.96 -4.64
N THR A 20 -9.21 5.73 -4.35
CA THR A 20 -8.10 6.18 -5.24
C THR A 20 -7.66 4.99 -6.10
N SER A 21 -7.11 5.24 -7.25
CA SER A 21 -6.68 4.11 -8.14
C SER A 21 -5.24 4.32 -8.61
N CYS A 22 -4.54 3.24 -8.91
CA CYS A 22 -3.14 3.37 -9.39
C CYS A 22 -3.15 3.53 -10.91
N LYS A 23 -2.44 4.50 -11.40
CA LYS A 23 -2.40 4.74 -12.88
C LYS A 23 -0.98 5.16 -13.28
N ALA A 24 -0.41 4.46 -14.24
CA ALA A 24 0.97 4.81 -14.70
C ALA A 24 0.92 6.12 -15.49
N GLU A 25 2.05 6.75 -15.70
CA GLU A 25 2.08 8.01 -16.46
C GLU A 25 3.13 7.93 -17.57
N SER A 26 3.30 8.99 -18.29
CA SER A 26 4.30 9.00 -19.40
C SER A 26 5.71 9.04 -18.81
N ASN A 27 5.87 9.67 -17.67
CA ASN A 27 7.21 9.75 -17.03
C ASN A 27 7.76 8.34 -16.75
N GLY A 28 6.91 7.34 -16.73
CA GLY A 28 7.38 5.95 -16.48
C GLY A 28 7.00 5.53 -15.05
N VAL A 29 6.75 6.47 -14.18
CA VAL A 29 6.37 6.11 -12.78
C VAL A 29 4.85 6.19 -12.63
N SER A 30 4.31 5.40 -11.75
CA SER A 30 2.83 5.41 -11.54
C SER A 30 2.49 6.03 -10.18
N TYR A 31 1.41 6.75 -10.10
CA TYR A 31 1.00 7.37 -8.82
C TYR A 31 -0.51 7.17 -8.63
N CYS A 32 -0.97 7.26 -7.41
CA CYS A 32 -2.43 7.10 -7.15
C CYS A 32 -3.09 8.45 -7.39
N ARG A 33 -4.35 8.45 -7.72
CA ARG A 33 -5.08 9.71 -7.95
C ARG A 33 -6.54 9.45 -7.62
N LYS A 34 -7.16 10.30 -6.84
CA LYS A 34 -8.59 10.08 -6.47
C LYS A 34 -9.44 9.91 -7.73
N ASP A 35 -10.49 9.13 -7.64
CA ASP A 35 -11.37 8.90 -8.83
C ASP A 35 -11.93 10.23 -9.33
N GLU A 36 -12.38 10.28 -10.56
CA GLU A 36 -12.93 11.55 -11.12
C GLU A 36 -14.47 11.57 -10.91
N PRO A 37 -15.05 12.75 -10.99
CA PRO A 37 -16.53 12.95 -10.81
C PRO A 37 -17.26 12.75 -12.14
N ALA A 1 -4.63 -3.36 5.85
CA ALA A 1 -3.79 -3.21 4.63
C ALA A 1 -3.65 -1.72 4.29
N ILE A 2 -2.76 -1.03 4.94
CA ILE A 2 -2.58 0.42 4.66
C ILE A 2 -2.04 0.60 3.24
N CYS A 3 -2.28 1.74 2.63
CA CYS A 3 -1.79 1.97 1.25
C CYS A 3 -0.69 3.03 1.25
N THR A 4 -0.04 3.23 0.14
CA THR A 4 1.06 4.24 0.08
C THR A 4 0.45 5.64 -0.10
N GLY A 5 -0.06 5.93 -1.26
CA GLY A 5 -0.67 7.28 -1.50
C GLY A 5 -0.15 7.86 -2.80
N ALA A 6 -0.99 8.55 -3.52
CA ALA A 6 -0.57 9.16 -4.82
C ALA A 6 0.70 10.00 -4.63
N ASP A 7 1.36 10.33 -5.71
CA ASP A 7 2.60 11.15 -5.63
C ASP A 7 3.62 10.53 -4.67
N ARG A 8 3.53 9.25 -4.42
CA ARG A 8 4.51 8.58 -3.50
C ARG A 8 5.07 7.33 -4.19
N PRO A 9 6.20 6.85 -3.74
CA PRO A 9 6.88 5.63 -4.32
C PRO A 9 6.17 4.35 -3.87
N CYS A 10 5.79 3.51 -4.81
CA CYS A 10 5.10 2.23 -4.45
C CYS A 10 6.01 1.41 -3.53
N ALA A 11 5.51 0.31 -3.01
CA ALA A 11 6.33 -0.53 -2.09
C ALA A 11 6.08 -2.01 -2.36
N ALA A 12 6.99 -2.87 -1.96
CA ALA A 12 6.82 -4.34 -2.18
C ALA A 12 5.46 -4.81 -1.64
N CYS A 13 5.26 -4.73 -0.35
CA CYS A 13 3.97 -5.18 0.26
C CYS A 13 2.78 -4.54 -0.47
N CYS A 14 2.87 -3.27 -0.76
CA CYS A 14 1.69 -2.39 -0.53
C CYS A 14 1.36 -1.65 -1.84
N PRO A 15 0.12 -1.71 -2.27
CA PRO A 15 -0.34 -1.03 -3.52
C PRO A 15 -0.71 0.42 -3.23
N CYS A 16 -0.93 1.19 -4.26
CA CYS A 16 -1.29 2.63 -4.06
C CYS A 16 -2.70 2.72 -3.44
N CYS A 17 -2.98 3.79 -2.78
CA CYS A 17 -4.33 3.98 -2.15
C CYS A 17 -5.42 3.86 -3.22
N PRO A 18 -6.68 3.73 -2.81
CA PRO A 18 -7.83 3.63 -3.76
C PRO A 18 -8.04 4.97 -4.46
N GLY A 19 -7.95 4.98 -5.76
CA GLY A 19 -8.10 6.25 -6.53
C GLY A 19 -6.76 6.52 -7.23
N THR A 20 -5.69 6.20 -6.55
CA THR A 20 -4.33 6.39 -7.13
C THR A 20 -3.86 5.05 -7.69
N SER A 21 -2.94 5.06 -8.63
CA SER A 21 -2.47 3.75 -9.21
C SER A 21 -0.95 3.74 -9.34
N CYS A 22 -0.33 2.60 -9.08
CA CYS A 22 1.14 2.49 -9.20
C CYS A 22 1.54 2.71 -10.66
N LYS A 23 2.66 3.33 -10.86
CA LYS A 23 3.13 3.61 -12.26
C LYS A 23 4.65 3.41 -12.32
N ALA A 24 5.22 3.53 -13.49
CA ALA A 24 6.70 3.35 -13.63
C ALA A 24 7.29 4.61 -14.26
N GLU A 25 8.54 4.89 -13.99
CA GLU A 25 9.18 6.09 -14.56
C GLU A 25 10.42 5.68 -15.36
N SER A 26 11.01 6.62 -16.04
CA SER A 26 12.23 6.31 -16.85
C SER A 26 13.41 6.06 -15.92
N ASN A 27 13.47 6.74 -14.80
CA ASN A 27 14.58 6.55 -13.84
C ASN A 27 14.66 5.09 -13.38
N GLY A 28 13.59 4.35 -13.53
CA GLY A 28 13.59 2.92 -13.11
C GLY A 28 12.78 2.74 -11.82
N VAL A 29 12.42 3.82 -11.16
CA VAL A 29 11.63 3.69 -9.90
C VAL A 29 10.15 3.92 -10.20
N SER A 30 9.30 3.23 -9.48
CA SER A 30 7.83 3.39 -9.71
C SER A 30 7.21 4.24 -8.61
N TYR A 31 6.25 5.05 -8.97
CA TYR A 31 5.57 5.91 -7.96
C TYR A 31 4.08 5.97 -8.27
N CYS A 32 3.27 6.13 -7.26
CA CYS A 32 1.80 6.23 -7.47
C CYS A 32 1.47 7.58 -8.09
N ARG A 33 0.32 7.68 -8.69
CA ARG A 33 -0.10 8.96 -9.31
C ARG A 33 -1.62 9.02 -9.23
N LYS A 34 -2.15 10.04 -8.62
CA LYS A 34 -3.64 10.13 -8.49
C LYS A 34 -4.29 10.14 -9.87
N ASP A 35 -5.42 9.50 -9.99
CA ASP A 35 -6.13 9.45 -11.30
C ASP A 35 -6.48 10.87 -11.76
N GLU A 36 -6.80 11.03 -13.01
CA GLU A 36 -7.15 12.39 -13.54
C GLU A 36 -8.06 12.24 -14.78
N PRO A 37 -9.27 11.77 -14.58
CA PRO A 37 -10.27 11.56 -15.67
C PRO A 37 -11.05 12.84 -15.94
N ALA A 1 -3.50 -4.04 6.43
CA ALA A 1 -2.41 -3.63 5.51
C ALA A 1 -2.82 -2.36 4.75
N ILE A 2 -3.64 -2.51 3.75
CA ILE A 2 -4.10 -1.33 2.96
C ILE A 2 -5.11 -1.78 1.91
N CYS A 3 -5.99 -0.91 1.50
CA CYS A 3 -7.00 -1.30 0.47
C CYS A 3 -6.82 -0.46 -0.78
N THR A 4 -7.53 -0.79 -1.83
CA THR A 4 -7.41 -0.01 -3.10
C THR A 4 -8.26 1.26 -3.00
N GLY A 5 -9.56 1.14 -3.09
CA GLY A 5 -10.44 2.34 -2.99
C GLY A 5 -11.50 2.30 -4.09
N ALA A 6 -12.68 2.78 -3.80
CA ALA A 6 -13.78 2.79 -4.82
C ALA A 6 -13.30 3.45 -6.12
N ASP A 7 -14.04 3.27 -7.17
CA ASP A 7 -13.67 3.88 -8.49
C ASP A 7 -12.21 3.60 -8.84
N ARG A 8 -11.64 2.53 -8.33
CA ARG A 8 -10.22 2.20 -8.65
C ARG A 8 -10.14 0.71 -9.04
N PRO A 9 -9.08 0.33 -9.72
CA PRO A 9 -8.87 -1.09 -10.18
C PRO A 9 -8.43 -1.98 -9.01
N CYS A 10 -9.11 -3.09 -8.82
CA CYS A 10 -8.74 -4.02 -7.70
C CYS A 10 -7.27 -4.44 -7.85
N ALA A 11 -6.75 -5.15 -6.89
CA ALA A 11 -5.32 -5.60 -6.97
C ALA A 11 -5.20 -7.07 -6.54
N ALA A 12 -4.16 -7.73 -6.97
CA ALA A 12 -3.96 -9.17 -6.60
C ALA A 12 -4.05 -9.35 -5.08
N CYS A 13 -3.11 -8.80 -4.35
CA CYS A 13 -3.12 -8.93 -2.85
C CYS A 13 -4.50 -8.54 -2.29
N CYS A 14 -5.07 -7.47 -2.78
CA CYS A 14 -5.71 -6.51 -1.85
C CYS A 14 -7.17 -6.28 -2.28
N PRO A 15 -8.10 -6.35 -1.35
CA PRO A 15 -9.55 -6.15 -1.63
C PRO A 15 -9.88 -4.66 -1.62
N CYS A 16 -11.06 -4.31 -2.05
CA CYS A 16 -11.44 -2.87 -2.06
C CYS A 16 -11.57 -2.37 -0.61
N CYS A 17 -11.48 -1.09 -0.41
CA CYS A 17 -11.60 -0.51 0.96
C CYS A 17 -12.94 -0.92 1.59
N PRO A 18 -13.10 -0.72 2.88
CA PRO A 18 -14.37 -1.06 3.61
C PRO A 18 -15.48 -0.11 3.18
N GLY A 19 -16.48 -0.63 2.51
CA GLY A 19 -17.59 0.22 1.99
C GLY A 19 -17.68 0.00 0.49
N THR A 20 -16.55 -0.13 -0.14
CA THR A 20 -16.49 -0.37 -1.61
C THR A 20 -16.30 -1.87 -1.83
N SER A 21 -16.69 -2.38 -2.97
CA SER A 21 -16.53 -3.85 -3.23
C SER A 21 -15.82 -4.10 -4.55
N CYS A 22 -15.26 -5.27 -4.72
CA CYS A 22 -14.55 -5.60 -5.99
C CYS A 22 -15.50 -6.34 -6.93
N LYS A 23 -15.53 -5.93 -8.17
CA LYS A 23 -16.41 -6.59 -9.16
C LYS A 23 -15.67 -6.70 -10.50
N ALA A 24 -16.25 -7.38 -11.46
CA ALA A 24 -15.57 -7.52 -12.79
C ALA A 24 -16.40 -6.80 -13.86
N GLU A 25 -15.79 -6.49 -14.98
CA GLU A 25 -16.52 -5.80 -16.06
C GLU A 25 -16.41 -6.62 -17.35
N SER A 26 -17.03 -6.16 -18.39
CA SER A 26 -16.99 -6.89 -19.69
C SER A 26 -15.59 -6.79 -20.30
N ASN A 27 -14.92 -5.68 -20.09
CA ASN A 27 -13.55 -5.49 -20.65
C ASN A 27 -12.60 -6.59 -20.13
N GLY A 28 -12.96 -7.24 -19.06
CA GLY A 28 -12.09 -8.32 -18.51
C GLY A 28 -11.35 -7.82 -17.26
N VAL A 29 -11.33 -6.52 -17.02
CA VAL A 29 -10.62 -6.00 -15.82
C VAL A 29 -11.64 -5.72 -14.71
N SER A 30 -11.23 -5.89 -13.49
CA SER A 30 -12.16 -5.66 -12.35
C SER A 30 -11.82 -4.33 -11.66
N TYR A 31 -12.81 -3.64 -11.17
CA TYR A 31 -12.58 -2.35 -10.48
C TYR A 31 -13.47 -2.27 -9.24
N CYS A 32 -13.13 -1.41 -8.32
CA CYS A 32 -13.97 -1.27 -7.09
C CYS A 32 -15.05 -0.23 -7.37
N ARG A 33 -16.13 -0.29 -6.64
CA ARG A 33 -17.22 0.68 -6.82
C ARG A 33 -17.91 0.84 -5.47
N LYS A 34 -18.06 2.04 -5.00
CA LYS A 34 -18.71 2.25 -3.68
C LYS A 34 -20.11 1.63 -3.67
N ASP A 35 -20.52 1.14 -2.54
CA ASP A 35 -21.87 0.50 -2.44
C ASP A 35 -22.95 1.53 -2.75
N GLU A 36 -24.15 1.09 -3.03
CA GLU A 36 -25.26 2.04 -3.34
C GLU A 36 -26.26 2.05 -2.18
N PRO A 37 -26.95 3.17 -2.00
CA PRO A 37 -27.95 3.34 -0.90
C PRO A 37 -29.31 2.80 -1.34
N ALA A 1 -3.80 -6.01 4.29
CA ALA A 1 -2.77 -5.08 4.84
C ALA A 1 -1.38 -5.51 4.36
N ILE A 2 -0.95 -5.00 3.23
CA ILE A 2 0.39 -5.37 2.71
C ILE A 2 1.46 -4.51 3.39
N CYS A 3 2.70 -4.92 3.32
CA CYS A 3 3.79 -4.13 3.95
C CYS A 3 4.66 -3.49 2.86
N THR A 4 5.54 -2.59 3.24
CA THR A 4 6.42 -1.93 2.25
C THR A 4 7.59 -2.85 1.91
N GLY A 5 8.49 -3.07 2.83
CA GLY A 5 9.65 -3.96 2.56
C GLY A 5 10.95 -3.26 2.95
N ALA A 6 11.86 -3.98 3.55
CA ALA A 6 13.17 -3.38 3.95
C ALA A 6 13.83 -2.66 2.77
N ASP A 7 14.77 -1.81 3.04
CA ASP A 7 15.48 -1.09 1.95
C ASP A 7 14.49 -0.32 1.05
N ARG A 8 13.31 -0.03 1.56
CA ARG A 8 12.31 0.72 0.75
C ARG A 8 11.75 1.87 1.60
N PRO A 9 11.16 2.85 0.96
CA PRO A 9 10.58 4.05 1.67
C PRO A 9 9.25 3.70 2.36
N CYS A 10 9.16 3.96 3.65
CA CYS A 10 7.89 3.66 4.39
C CYS A 10 6.72 4.37 3.72
N ALA A 11 5.51 4.13 4.20
CA ALA A 11 4.32 4.79 3.59
C ALA A 11 3.32 5.18 4.68
N ALA A 12 2.48 6.16 4.41
CA ALA A 12 1.46 6.60 5.41
C ALA A 12 0.66 5.40 5.93
N CYS A 13 -0.10 4.76 5.07
CA CYS A 13 -0.93 3.59 5.50
C CYS A 13 -0.07 2.57 6.26
N CYS A 14 1.11 2.30 5.77
CA CYS A 14 1.57 0.88 5.74
C CYS A 14 2.94 0.78 6.44
N PRO A 15 3.08 -0.15 7.37
CA PRO A 15 4.35 -0.35 8.12
C PRO A 15 5.30 -1.25 7.33
N CYS A 16 6.53 -1.36 7.77
CA CYS A 16 7.51 -2.23 7.05
C CYS A 16 7.13 -3.69 7.25
N CYS A 17 7.54 -4.54 6.35
CA CYS A 17 7.24 -6.00 6.46
C CYS A 17 7.75 -6.54 7.81
N PRO A 18 7.35 -7.73 8.19
CA PRO A 18 7.80 -8.37 9.48
C PRO A 18 9.29 -8.71 9.38
N GLY A 19 10.07 -8.23 10.31
CA GLY A 19 11.54 -8.48 10.28
C GLY A 19 12.23 -7.16 9.95
N THR A 20 11.61 -6.37 9.11
CA THR A 20 12.16 -5.04 8.74
C THR A 20 11.47 -3.98 9.58
N SER A 21 12.08 -2.84 9.77
CA SER A 21 11.43 -1.78 10.61
C SER A 21 11.65 -0.39 9.99
N CYS A 22 10.67 0.48 10.08
CA CYS A 22 10.81 1.84 9.50
C CYS A 22 11.99 2.56 10.15
N LYS A 23 12.68 3.36 9.39
CA LYS A 23 13.86 4.11 9.91
C LYS A 23 13.81 5.55 9.39
N ALA A 24 14.76 6.36 9.78
CA ALA A 24 14.79 7.78 9.31
C ALA A 24 16.18 8.12 8.78
N GLU A 25 16.28 9.05 7.87
CA GLU A 25 17.60 9.42 7.32
C GLU A 25 17.82 10.93 7.48
N SER A 26 18.99 11.37 7.15
CA SER A 26 19.31 12.83 7.26
C SER A 26 18.58 13.60 6.16
N ASN A 27 18.39 12.98 5.02
CA ASN A 27 17.67 13.67 3.90
C ASN A 27 16.27 14.10 4.34
N GLY A 28 15.76 13.53 5.39
CA GLY A 28 14.39 13.91 5.86
C GLY A 28 13.37 12.83 5.48
N VAL A 29 13.74 11.90 4.63
CA VAL A 29 12.78 10.82 4.23
C VAL A 29 13.08 9.56 5.04
N SER A 30 12.08 8.79 5.32
CA SER A 30 12.28 7.54 6.12
C SER A 30 12.17 6.32 5.22
N TYR A 31 12.97 5.32 5.49
CA TYR A 31 12.93 4.08 4.68
C TYR A 31 13.10 2.88 5.60
N CYS A 32 12.48 1.78 5.27
CA CYS A 32 12.61 0.56 6.11
C CYS A 32 14.06 0.06 6.06
N ARG A 33 14.42 -0.81 6.96
CA ARG A 33 15.79 -1.36 6.99
C ARG A 33 15.69 -2.76 7.57
N LYS A 34 16.11 -3.75 6.83
CA LYS A 34 16.01 -5.14 7.34
C LYS A 34 16.82 -5.30 8.63
N ASP A 35 16.31 -6.04 9.57
CA ASP A 35 17.03 -6.23 10.86
C ASP A 35 18.37 -6.93 10.62
N GLU A 36 19.15 -7.09 11.64
CA GLU A 36 20.47 -7.77 11.48
C GLU A 36 20.66 -8.79 12.61
N PRO A 37 20.10 -9.98 12.44
CA PRO A 37 20.19 -11.09 13.43
C PRO A 37 21.46 -11.92 13.21
N ALA A 1 -2.34 -5.52 8.03
CA ALA A 1 -2.46 -4.68 6.80
C ALA A 1 -1.09 -4.10 6.45
N ILE A 2 -1.03 -3.23 5.48
CA ILE A 2 0.26 -2.60 5.09
C ILE A 2 0.80 -1.77 6.26
N CYS A 3 2.09 -1.64 6.37
CA CYS A 3 2.69 -0.84 7.46
C CYS A 3 3.45 0.35 6.90
N THR A 4 3.87 1.25 7.74
CA THR A 4 4.62 2.44 7.25
C THR A 4 6.09 2.05 7.02
N GLY A 5 6.84 1.86 8.08
CA GLY A 5 8.27 1.48 7.92
C GLY A 5 9.14 2.32 8.82
N ALA A 6 10.17 1.74 9.40
CA ALA A 6 11.08 2.50 10.30
C ALA A 6 11.59 3.77 9.59
N ASP A 7 12.15 4.68 10.34
CA ASP A 7 12.69 5.93 9.74
C ASP A 7 11.64 6.63 8.86
N ARG A 8 10.39 6.37 9.11
CA ARG A 8 9.31 7.03 8.29
C ARG A 8 8.26 7.62 9.24
N PRO A 9 7.47 8.56 8.76
CA PRO A 9 6.41 9.24 9.56
C PRO A 9 5.18 8.32 9.74
N CYS A 10 4.78 8.07 10.96
CA CYS A 10 3.60 7.20 11.23
C CYS A 10 2.39 7.72 10.43
N ALA A 11 1.35 6.92 10.34
CA ALA A 11 0.14 7.36 9.57
C ALA A 11 -1.10 7.21 10.47
N ALA A 12 -2.15 7.93 10.15
CA ALA A 12 -3.40 7.86 10.96
C ALA A 12 -3.84 6.39 11.13
N CYS A 13 -4.20 5.74 10.06
CA CYS A 13 -4.65 4.31 10.14
C CYS A 13 -3.61 3.47 10.90
N CYS A 14 -2.35 3.61 10.56
CA CYS A 14 -1.51 2.41 10.31
C CYS A 14 -0.31 2.40 11.28
N PRO A 15 0.03 1.24 11.81
CA PRO A 15 1.17 1.08 12.76
C PRO A 15 2.48 0.91 11.97
N CYS A 16 3.60 0.96 12.65
CA CYS A 16 4.90 0.79 11.95
C CYS A 16 5.08 -0.68 11.58
N CYS A 17 5.92 -0.96 10.62
CA CYS A 17 6.18 -2.36 10.18
C CYS A 17 6.65 -3.21 11.38
N PRO A 18 6.66 -4.52 11.23
CA PRO A 18 7.12 -5.45 12.31
C PRO A 18 8.62 -5.27 12.53
N GLY A 19 8.99 -4.81 13.70
CA GLY A 19 10.42 -4.55 13.99
C GLY A 19 10.65 -3.03 14.10
N THR A 20 9.59 -2.26 14.17
CA THR A 20 9.71 -0.78 14.28
C THR A 20 8.62 -0.30 15.24
N SER A 21 8.75 0.89 15.79
CA SER A 21 7.69 1.38 16.74
C SER A 21 7.42 2.88 16.52
N CYS A 22 6.17 3.28 16.63
CA CYS A 22 5.83 4.72 16.45
C CYS A 22 6.10 5.48 17.74
N LYS A 23 6.80 6.57 17.63
CA LYS A 23 7.12 7.40 18.82
C LYS A 23 7.03 8.88 18.46
N ALA A 24 6.30 9.65 19.23
CA ALA A 24 6.18 11.11 18.94
C ALA A 24 7.50 11.80 19.28
N GLU A 25 7.69 13.01 18.79
CA GLU A 25 8.95 13.74 19.07
C GLU A 25 8.61 15.14 19.59
N SER A 26 9.62 15.92 19.86
CA SER A 26 9.41 17.30 20.36
C SER A 26 8.87 18.18 19.23
N ASN A 27 9.27 17.91 18.01
CA ASN A 27 8.78 18.72 16.85
C ASN A 27 7.26 18.66 16.77
N GLY A 28 6.64 17.70 17.39
CA GLY A 28 5.15 17.60 17.34
C GLY A 28 4.72 16.47 16.40
N VAL A 29 5.59 16.06 15.51
CA VAL A 29 5.24 14.96 14.56
C VAL A 29 5.83 13.65 15.07
N SER A 30 5.19 12.55 14.75
CA SER A 30 5.68 11.23 15.22
C SER A 30 6.24 10.44 14.04
N TYR A 31 7.31 9.71 14.25
CA TYR A 31 7.91 8.90 13.16
C TYR A 31 8.24 7.51 13.70
N CYS A 32 8.33 6.53 12.84
CA CYS A 32 8.69 5.17 13.31
C CYS A 32 10.20 5.07 13.41
N ARG A 33 10.69 4.15 14.18
CA ARG A 33 12.15 3.98 14.33
C ARG A 33 12.40 2.50 14.65
N LYS A 34 13.19 1.83 13.85
CA LYS A 34 13.46 0.38 14.09
C LYS A 34 13.98 0.16 15.51
N ASP A 35 13.30 -0.65 16.28
CA ASP A 35 13.74 -0.93 17.67
C ASP A 35 15.17 -1.45 17.69
N GLU A 36 15.80 -1.50 18.84
CA GLU A 36 17.20 -2.00 18.92
C GLU A 36 17.18 -3.51 19.19
N PRO A 37 18.27 -4.18 18.87
CA PRO A 37 18.42 -5.66 19.07
C PRO A 37 18.90 -5.97 20.49
N ALA A 1 -6.16 -4.06 6.13
CA ALA A 1 -4.99 -3.90 5.20
C ALA A 1 -4.80 -2.42 4.88
N ILE A 2 -3.70 -2.08 4.27
CA ILE A 2 -3.43 -0.65 3.92
C ILE A 2 -3.89 -0.39 2.48
N CYS A 3 -4.27 0.83 2.18
CA CYS A 3 -4.73 1.16 0.81
C CYS A 3 -3.80 2.22 0.20
N THR A 4 -4.02 2.57 -1.04
CA THR A 4 -3.17 3.59 -1.71
C THR A 4 -3.72 4.99 -1.38
N GLY A 5 -4.85 5.35 -1.94
CA GLY A 5 -5.43 6.69 -1.67
C GLY A 5 -5.83 7.36 -2.98
N ALA A 6 -6.95 8.05 -2.97
CA ALA A 6 -7.42 8.75 -4.21
C ALA A 6 -6.30 9.64 -4.77
N ASP A 7 -6.48 10.09 -5.98
CA ASP A 7 -5.45 10.98 -6.62
C ASP A 7 -4.04 10.38 -6.50
N ARG A 8 -3.95 9.08 -6.37
CA ARG A 8 -2.61 8.43 -6.26
C ARG A 8 -2.56 7.22 -7.21
N PRO A 9 -1.37 6.79 -7.58
CA PRO A 9 -1.17 5.64 -8.52
C PRO A 9 -1.42 4.30 -7.80
N CYS A 10 -2.29 3.48 -8.35
CA CYS A 10 -2.58 2.15 -7.72
C CYS A 10 -1.28 1.36 -7.54
N ALA A 11 -1.34 0.25 -6.86
CA ALA A 11 -0.11 -0.57 -6.64
C ALA A 11 -0.39 -2.03 -6.98
N ALA A 12 0.63 -2.81 -7.21
CA ALA A 12 0.44 -4.26 -7.56
C ALA A 12 -0.47 -4.93 -6.52
N CYS A 13 -0.02 -5.04 -5.29
CA CYS A 13 -0.86 -5.68 -4.23
C CYS A 13 -2.26 -5.06 -4.19
N CYS A 14 -2.34 -3.76 -4.19
CA CYS A 14 -3.22 -3.09 -3.18
C CYS A 14 -4.30 -2.27 -3.90
N PRO A 15 -5.51 -2.31 -3.41
CA PRO A 15 -6.67 -1.56 -4.00
C PRO A 15 -6.69 -0.13 -3.46
N CYS A 16 -7.50 0.72 -4.03
CA CYS A 16 -7.57 2.12 -3.54
C CYS A 16 -8.31 2.16 -2.19
N CYS A 17 -8.10 3.20 -1.44
CA CYS A 17 -8.77 3.33 -0.10
C CYS A 17 -10.30 3.25 -0.30
N PRO A 18 -11.04 3.10 0.78
CA PRO A 18 -12.54 3.02 0.73
C PRO A 18 -13.10 4.39 0.31
N GLY A 19 -13.90 4.41 -0.73
CA GLY A 19 -14.46 5.70 -1.23
C GLY A 19 -13.79 6.00 -2.56
N THR A 20 -12.53 5.67 -2.67
CA THR A 20 -11.76 5.90 -3.92
C THR A 20 -11.71 4.56 -4.69
N SER A 21 -11.48 4.60 -5.98
CA SER A 21 -11.44 3.32 -6.76
C SER A 21 -10.27 3.33 -7.76
N CYS A 22 -9.78 2.16 -8.13
CA CYS A 22 -8.65 2.10 -9.10
C CYS A 22 -9.22 2.09 -10.52
N LYS A 23 -8.67 2.92 -11.36
CA LYS A 23 -9.15 2.99 -12.77
C LYS A 23 -7.97 3.19 -13.71
N ALA A 24 -7.80 2.31 -14.67
CA ALA A 24 -6.66 2.45 -15.63
C ALA A 24 -6.94 3.60 -16.60
N GLU A 25 -5.93 4.05 -17.30
CA GLU A 25 -6.11 5.17 -18.25
C GLU A 25 -5.55 4.75 -19.62
N SER A 26 -5.65 5.63 -20.58
CA SER A 26 -5.14 5.32 -21.94
C SER A 26 -3.61 5.30 -21.92
N ASN A 27 -3.01 6.13 -21.12
CA ASN A 27 -1.51 6.17 -21.05
C ASN A 27 -0.96 4.78 -20.67
N GLY A 28 -1.77 3.95 -20.08
CA GLY A 28 -1.29 2.59 -19.69
C GLY A 28 -1.13 2.50 -18.17
N VAL A 29 -1.05 3.62 -17.49
CA VAL A 29 -0.89 3.59 -16.00
C VAL A 29 -2.25 3.81 -15.35
N SER A 30 -2.45 3.23 -14.20
CA SER A 30 -3.76 3.39 -13.51
C SER A 30 -3.58 4.20 -12.22
N TYR A 31 -4.55 5.01 -11.87
CA TYR A 31 -4.46 5.83 -10.63
C TYR A 31 -5.81 5.77 -9.92
N CYS A 32 -5.82 6.05 -8.65
CA CYS A 32 -7.10 6.04 -7.90
C CYS A 32 -7.76 7.40 -8.05
N ARG A 33 -9.04 7.46 -7.87
CA ARG A 33 -9.77 8.75 -7.97
C ARG A 33 -10.97 8.65 -7.03
N LYS A 34 -11.11 9.58 -6.13
CA LYS A 34 -12.25 9.51 -5.16
C LYS A 34 -13.59 9.40 -5.89
N ASP A 35 -14.07 8.20 -6.07
CA ASP A 35 -15.37 7.99 -6.76
C ASP A 35 -15.86 6.57 -6.50
N GLU A 36 -17.08 6.28 -6.88
CA GLU A 36 -17.62 4.90 -6.66
C GLU A 36 -17.28 4.01 -7.87
N PRO A 37 -17.35 2.70 -7.67
CA PRO A 37 -17.05 1.71 -8.74
C PRO A 37 -18.31 1.43 -9.58
N ALA A 1 -3.99 -2.72 7.13
CA ALA A 1 -3.52 -2.88 5.73
C ALA A 1 -2.04 -2.53 5.64
N ILE A 2 -1.31 -3.21 4.79
CA ILE A 2 0.15 -2.92 4.65
C ILE A 2 0.33 -1.51 4.09
N CYS A 3 1.42 -0.86 4.44
CA CYS A 3 1.67 0.52 3.94
C CYS A 3 2.99 0.55 3.17
N THR A 4 3.33 1.70 2.66
CA THR A 4 4.61 1.82 1.89
C THR A 4 5.77 1.99 2.88
N GLY A 5 5.93 3.16 3.45
CA GLY A 5 7.04 3.40 4.41
C GLY A 5 7.62 4.79 4.20
N ALA A 6 7.93 5.47 5.28
CA ALA A 6 8.51 6.85 5.17
C ALA A 6 9.72 6.85 4.24
N ASP A 7 10.13 8.01 3.81
CA ASP A 7 11.32 8.13 2.91
C ASP A 7 11.22 7.15 1.72
N ARG A 8 10.01 6.78 1.34
CA ARG A 8 9.85 5.84 0.19
C ARG A 8 8.79 6.43 -0.77
N PRO A 9 8.79 5.97 -1.99
CA PRO A 9 7.82 6.45 -3.04
C PRO A 9 6.43 5.86 -2.82
N CYS A 10 5.42 6.70 -2.74
CA CYS A 10 4.02 6.20 -2.53
C CYS A 10 3.67 5.15 -3.58
N ALA A 11 2.57 4.46 -3.41
CA ALA A 11 2.18 3.42 -4.39
C ALA A 11 0.73 3.63 -4.84
N ALA A 12 0.38 3.13 -6.00
CA ALA A 12 -1.02 3.29 -6.52
C ALA A 12 -2.03 2.85 -5.46
N CYS A 13 -2.06 1.58 -5.14
CA CYS A 13 -3.03 1.07 -4.12
C CYS A 13 -2.96 1.90 -2.83
N CYS A 14 -1.78 2.21 -2.38
CA CYS A 14 -1.49 2.07 -0.93
C CYS A 14 -0.99 3.41 -0.37
N PRO A 15 -1.49 3.83 0.78
CA PRO A 15 -1.09 5.11 1.42
C PRO A 15 0.17 4.92 2.25
N CYS A 16 0.75 5.99 2.73
CA CYS A 16 2.00 5.88 3.55
C CYS A 16 1.64 5.26 4.91
N CYS A 17 2.62 4.71 5.58
CA CYS A 17 2.39 4.09 6.92
C CYS A 17 1.76 5.12 7.87
N PRO A 18 1.24 4.68 9.01
CA PRO A 18 0.63 5.59 10.02
C PRO A 18 1.71 6.44 10.69
N GLY A 19 1.70 7.71 10.41
CA GLY A 19 2.74 8.63 10.97
C GLY A 19 3.37 9.36 9.79
N THR A 20 3.57 8.66 8.71
CA THR A 20 4.15 9.27 7.48
C THR A 20 3.00 9.62 6.54
N SER A 21 3.19 10.58 5.68
CA SER A 21 2.09 10.96 4.73
C SER A 21 2.62 11.04 3.31
N CYS A 22 1.74 10.95 2.34
CA CYS A 22 2.20 11.03 0.91
C CYS A 22 2.18 12.49 0.47
N LYS A 23 3.25 12.92 -0.12
CA LYS A 23 3.34 14.34 -0.58
C LYS A 23 4.07 14.40 -1.93
N ALA A 24 3.45 14.98 -2.93
CA ALA A 24 4.11 15.09 -4.26
C ALA A 24 5.35 15.97 -4.15
N GLU A 25 6.20 15.95 -5.13
CA GLU A 25 7.43 16.79 -5.10
C GLU A 25 7.57 17.56 -6.40
N SER A 26 8.60 18.34 -6.51
CA SER A 26 8.83 19.13 -7.75
C SER A 26 9.27 18.20 -8.88
N ASN A 27 10.01 17.17 -8.55
CA ASN A 27 10.47 16.21 -9.60
C ASN A 27 9.27 15.60 -10.34
N GLY A 28 8.10 15.65 -9.74
CA GLY A 28 6.90 15.07 -10.42
C GLY A 28 6.49 13.78 -9.72
N VAL A 29 7.38 13.16 -8.97
CA VAL A 29 7.03 11.89 -8.28
C VAL A 29 6.70 12.19 -6.82
N SER A 30 5.83 11.42 -6.23
CA SER A 30 5.44 11.65 -4.82
C SER A 30 6.11 10.61 -3.92
N TYR A 31 6.54 11.02 -2.75
CA TYR A 31 7.19 10.08 -1.80
C TYR A 31 6.65 10.32 -0.40
N CYS A 32 6.74 9.34 0.46
CA CYS A 32 6.24 9.52 1.85
C CYS A 32 7.34 10.17 2.68
N ARG A 33 6.97 10.90 3.68
CA ARG A 33 7.95 11.57 4.56
C ARG A 33 7.32 11.69 5.94
N LYS A 34 8.04 11.39 6.98
CA LYS A 34 7.45 11.46 8.35
C LYS A 34 6.87 12.86 8.61
N ASP A 35 5.86 12.94 9.42
CA ASP A 35 5.23 14.26 9.72
C ASP A 35 6.26 15.20 10.34
N GLU A 36 5.96 16.48 10.37
CA GLU A 36 6.92 17.46 10.96
C GLU A 36 6.96 17.29 12.49
N PRO A 37 7.98 17.84 13.11
CA PRO A 37 8.17 17.77 14.59
C PRO A 37 7.44 18.92 15.29
N ALA A 1 -0.62 -4.79 9.67
CA ALA A 1 -0.92 -4.58 8.22
C ALA A 1 0.38 -4.64 7.42
N ILE A 2 0.31 -4.34 6.15
CA ILE A 2 1.54 -4.37 5.30
C ILE A 2 2.06 -2.94 5.11
N CYS A 3 3.34 -2.78 4.92
CA CYS A 3 3.91 -1.41 4.72
C CYS A 3 4.61 -1.35 3.36
N THR A 4 5.04 -0.18 2.97
CA THR A 4 5.73 -0.03 1.65
C THR A 4 7.20 -0.46 1.79
N GLY A 5 8.02 0.34 2.44
CA GLY A 5 9.45 -0.03 2.61
C GLY A 5 10.33 1.18 2.29
N ALA A 6 11.42 1.31 3.00
CA ALA A 6 12.36 2.45 2.75
C ALA A 6 12.75 2.52 1.27
N ASP A 7 13.31 3.62 0.86
CA ASP A 7 13.74 3.80 -0.56
C ASP A 7 12.62 3.42 -1.53
N ARG A 8 11.38 3.51 -1.11
CA ARG A 8 10.25 3.16 -2.02
C ARG A 8 9.21 4.30 -1.98
N PRO A 9 8.38 4.39 -2.99
CA PRO A 9 7.32 5.45 -3.09
C PRO A 9 6.14 5.14 -2.16
N CYS A 10 5.78 6.07 -1.31
CA CYS A 10 4.64 5.85 -0.36
C CYS A 10 3.38 5.44 -1.15
N ALA A 11 2.34 5.06 -0.46
CA ALA A 11 1.08 4.64 -1.17
C ALA A 11 -0.12 5.32 -0.51
N ALA A 12 -1.21 5.42 -1.22
CA ALA A 12 -2.44 6.06 -0.66
C ALA A 12 -2.80 5.43 0.70
N CYS A 13 -3.16 4.16 0.70
CA CYS A 13 -3.53 3.47 1.98
C CYS A 13 -2.43 3.68 3.03
N CYS A 14 -1.19 3.50 2.66
CA CYS A 14 -0.28 2.69 3.51
C CYS A 14 0.95 3.54 3.89
N PRO A 15 1.36 3.48 5.14
CA PRO A 15 2.54 4.25 5.64
C PRO A 15 3.83 3.48 5.37
N CYS A 16 4.96 4.09 5.56
CA CYS A 16 6.26 3.38 5.32
C CYS A 16 6.47 2.34 6.42
N CYS A 17 7.27 1.34 6.15
CA CYS A 17 7.54 0.28 7.16
C CYS A 17 8.08 0.91 8.45
N PRO A 18 8.16 0.15 9.52
CA PRO A 18 8.69 0.65 10.84
C PRO A 18 10.20 0.91 10.70
N GLY A 19 10.63 2.09 11.07
CA GLY A 19 12.06 2.46 10.92
C GLY A 19 12.17 3.47 9.77
N THR A 20 11.37 3.26 8.76
CA THR A 20 11.36 4.20 7.59
C THR A 20 10.18 5.16 7.76
N SER A 21 10.20 6.28 7.09
CA SER A 21 9.07 7.24 7.24
C SER A 21 8.69 7.84 5.87
N CYS A 22 7.49 8.35 5.75
CA CYS A 22 7.06 8.95 4.45
C CYS A 22 7.37 10.44 4.46
N LYS A 23 7.98 10.91 3.41
CA LYS A 23 8.33 12.36 3.32
C LYS A 23 8.13 12.84 1.88
N ALA A 24 7.33 13.87 1.69
CA ALA A 24 7.10 14.38 0.31
C ALA A 24 8.38 15.03 -0.21
N GLU A 25 8.47 15.24 -1.50
CA GLU A 25 9.68 15.87 -2.09
C GLU A 25 9.27 17.05 -2.97
N SER A 26 10.22 17.72 -3.54
CA SER A 26 9.93 18.89 -4.42
C SER A 26 9.32 18.39 -5.73
N ASN A 27 9.72 17.21 -6.16
CA ASN A 27 9.17 16.66 -7.43
C ASN A 27 7.64 16.54 -7.36
N GLY A 28 7.09 16.54 -6.18
CA GLY A 28 5.60 16.44 -6.05
C GLY A 28 5.23 15.05 -5.50
N VAL A 29 6.07 14.08 -5.70
CA VAL A 29 5.76 12.70 -5.20
C VAL A 29 6.49 12.46 -3.90
N SER A 30 5.95 11.61 -3.06
CA SER A 30 6.61 11.33 -1.76
C SER A 30 7.21 9.92 -1.77
N TYR A 31 8.31 9.74 -1.09
CA TYR A 31 8.96 8.40 -1.03
C TYR A 31 9.37 8.10 0.41
N CYS A 32 9.59 6.86 0.72
CA CYS A 32 10.01 6.51 2.11
C CYS A 32 11.53 6.54 2.17
N ARG A 33 12.06 6.79 3.33
CA ARG A 33 13.54 6.84 3.51
C ARG A 33 13.82 6.34 4.92
N LYS A 34 14.68 5.36 5.06
CA LYS A 34 14.97 4.80 6.42
C LYS A 34 15.40 5.91 7.38
N ASP A 35 14.48 6.46 8.12
CA ASP A 35 14.82 7.54 9.08
C ASP A 35 13.66 7.72 10.07
N GLU A 36 13.89 8.42 11.15
CA GLU A 36 12.81 8.64 12.16
C GLU A 36 12.76 10.12 12.56
N PRO A 37 11.97 10.90 11.86
CA PRO A 37 11.81 12.37 12.13
C PRO A 37 10.75 12.61 13.21
N ALA A 1 -3.06 -4.32 6.84
CA ALA A 1 -2.65 -4.04 5.43
C ALA A 1 -3.69 -3.14 4.77
N ILE A 2 -3.26 -2.01 4.27
CA ILE A 2 -4.21 -1.07 3.60
C ILE A 2 -4.64 -1.66 2.25
N CYS A 3 -5.75 -1.20 1.71
CA CYS A 3 -6.22 -1.72 0.40
C CYS A 3 -6.23 -0.59 -0.63
N THR A 4 -6.51 -0.90 -1.87
CA THR A 4 -6.53 0.14 -2.93
C THR A 4 -7.85 0.92 -2.86
N GLY A 5 -8.94 0.31 -3.24
CA GLY A 5 -10.26 1.01 -3.19
C GLY A 5 -10.98 0.80 -4.51
N ALA A 6 -12.29 0.64 -4.46
CA ALA A 6 -13.09 0.44 -5.71
C ALA A 6 -12.79 1.55 -6.72
N ASP A 7 -13.17 1.32 -7.95
CA ASP A 7 -12.95 2.35 -9.02
C ASP A 7 -11.49 2.83 -9.04
N ARG A 8 -10.57 2.03 -8.56
CA ARG A 8 -9.13 2.43 -8.56
C ARG A 8 -8.29 1.31 -9.18
N PRO A 9 -7.11 1.63 -9.65
CA PRO A 9 -6.19 0.63 -10.30
C PRO A 9 -5.51 -0.25 -9.25
N CYS A 10 -5.61 -1.55 -9.39
CA CYS A 10 -4.96 -2.49 -8.42
C CYS A 10 -3.47 -2.18 -8.32
N ALA A 11 -2.78 -2.79 -7.39
CA ALA A 11 -1.32 -2.52 -7.22
C ALA A 11 -0.58 -3.84 -6.96
N ALA A 12 0.70 -3.86 -7.21
CA ALA A 12 1.51 -5.10 -6.98
C ALA A 12 1.29 -5.63 -5.56
N CYS A 13 1.69 -4.88 -4.56
CA CYS A 13 1.51 -5.33 -3.14
C CYS A 13 0.07 -5.76 -2.88
N CYS A 14 -0.89 -4.99 -3.34
CA CYS A 14 -2.05 -4.67 -2.48
C CYS A 14 -3.35 -5.07 -3.20
N PRO A 15 -4.23 -5.80 -2.54
CA PRO A 15 -5.52 -6.25 -3.13
C PRO A 15 -6.58 -5.16 -2.96
N CYS A 16 -7.72 -5.32 -3.60
CA CYS A 16 -8.80 -4.30 -3.47
C CYS A 16 -9.39 -4.36 -2.06
N CYS A 17 -9.99 -3.29 -1.62
CA CYS A 17 -10.61 -3.24 -0.27
C CYS A 17 -11.63 -4.37 -0.13
N PRO A 18 -12.10 -4.65 1.08
CA PRO A 18 -13.12 -5.72 1.34
C PRO A 18 -14.47 -5.28 0.78
N GLY A 19 -14.92 -5.96 -0.24
CA GLY A 19 -16.21 -5.59 -0.89
C GLY A 19 -15.93 -5.37 -2.38
N THR A 20 -14.79 -4.81 -2.68
CA THR A 20 -14.39 -4.57 -4.08
C THR A 20 -13.43 -5.69 -4.50
N SER A 21 -13.36 -5.98 -5.77
CA SER A 21 -12.45 -7.08 -6.23
C SER A 21 -11.56 -6.61 -7.39
N CYS A 22 -10.42 -7.21 -7.55
CA CYS A 22 -9.50 -6.80 -8.67
C CYS A 22 -9.88 -7.58 -9.93
N LYS A 23 -10.01 -6.89 -11.02
CA LYS A 23 -10.39 -7.56 -12.30
C LYS A 23 -9.61 -6.93 -13.45
N ALA A 24 -8.89 -7.71 -14.21
CA ALA A 24 -8.10 -7.16 -15.36
C ALA A 24 -9.06 -6.69 -16.45
N GLU A 25 -8.57 -5.94 -17.40
CA GLU A 25 -9.43 -5.46 -18.50
C GLU A 25 -8.78 -5.82 -19.85
N SER A 26 -9.45 -5.51 -20.92
CA SER A 26 -8.90 -5.82 -22.27
C SER A 26 -7.69 -4.93 -22.57
N ASN A 27 -7.74 -3.69 -22.16
CA ASN A 27 -6.60 -2.75 -22.41
C ASN A 27 -5.31 -3.31 -21.81
N GLY A 28 -5.41 -4.21 -20.86
CA GLY A 28 -4.18 -4.79 -20.25
C GLY A 28 -4.02 -4.30 -18.81
N VAL A 29 -4.71 -3.26 -18.42
CA VAL A 29 -4.59 -2.75 -17.02
C VAL A 29 -5.75 -3.27 -16.18
N SER A 30 -5.50 -3.51 -14.92
CA SER A 30 -6.57 -4.04 -14.03
C SER A 30 -6.99 -2.98 -13.02
N TYR A 31 -8.25 -2.93 -12.68
CA TYR A 31 -8.74 -1.94 -11.70
C TYR A 31 -9.74 -2.61 -10.76
N CYS A 32 -9.94 -2.06 -9.59
CA CYS A 32 -10.92 -2.64 -8.64
C CYS A 32 -12.30 -2.12 -9.01
N ARG A 33 -13.32 -2.86 -8.69
CA ARG A 33 -14.71 -2.43 -8.97
C ARG A 33 -15.60 -3.05 -7.92
N LYS A 34 -16.47 -2.29 -7.32
CA LYS A 34 -17.36 -2.84 -6.26
C LYS A 34 -18.14 -4.05 -6.79
N ASP A 35 -18.43 -4.99 -5.93
CA ASP A 35 -19.19 -6.20 -6.36
C ASP A 35 -20.54 -5.80 -6.96
N GLU A 36 -21.21 -6.72 -7.61
CA GLU A 36 -22.53 -6.39 -8.23
C GLU A 36 -23.51 -7.54 -7.99
N PRO A 37 -24.21 -7.50 -6.87
CA PRO A 37 -25.21 -8.54 -6.49
C PRO A 37 -26.58 -8.23 -7.10
N ALA A 1 -1.57 -5.07 6.98
CA ALA A 1 -2.17 -4.17 5.97
C ALA A 1 -1.21 -3.01 5.67
N ILE A 2 -1.11 -2.61 4.44
CA ILE A 2 -0.19 -1.50 4.07
C ILE A 2 -0.66 -0.21 4.76
N CYS A 3 0.25 0.70 5.02
CA CYS A 3 -0.13 1.97 5.69
C CYS A 3 0.14 3.15 4.76
N THR A 4 -0.29 4.32 5.14
CA THR A 4 -0.07 5.52 4.28
C THR A 4 1.36 6.04 4.48
N GLY A 5 1.63 6.65 5.61
CA GLY A 5 2.99 7.18 5.87
C GLY A 5 2.91 8.59 6.44
N ALA A 6 3.76 8.91 7.39
CA ALA A 6 3.74 10.27 8.00
C ALA A 6 3.84 11.33 6.91
N ASP A 7 3.54 12.56 7.23
CA ASP A 7 3.63 13.67 6.24
C ASP A 7 2.82 13.34 4.98
N ARG A 8 1.84 12.46 5.09
CA ARG A 8 1.01 12.10 3.90
C ARG A 8 -0.48 12.16 4.31
N PRO A 9 -1.36 12.28 3.34
CA PRO A 9 -2.83 12.37 3.59
C PRO A 9 -3.41 10.98 3.93
N CYS A 10 -4.07 10.87 5.06
CA CYS A 10 -4.67 9.56 5.47
C CYS A 10 -5.60 9.05 4.36
N ALA A 11 -6.08 7.84 4.49
CA ALA A 11 -6.98 7.27 3.44
C ALA A 11 -8.19 6.61 4.10
N ALA A 12 -9.27 6.47 3.36
CA ALA A 12 -10.50 5.82 3.92
C ALA A 12 -10.15 4.47 4.56
N CYS A 13 -9.72 3.51 3.77
CA CYS A 13 -9.37 2.17 4.32
C CYS A 13 -8.42 2.30 5.52
N CYS A 14 -7.42 3.12 5.41
CA CYS A 14 -6.06 2.70 5.85
C CYS A 14 -5.52 3.72 6.89
N PRO A 15 -4.96 3.22 7.98
CA PRO A 15 -4.40 4.08 9.05
C PRO A 15 -2.97 4.48 8.72
N CYS A 16 -2.40 5.39 9.47
CA CYS A 16 -1.00 5.83 9.19
C CYS A 16 -0.03 4.71 9.60
N CYS A 17 1.15 4.72 9.05
CA CYS A 17 2.17 3.68 9.40
C CYS A 17 2.42 3.68 10.91
N PRO A 18 3.08 2.65 11.42
CA PRO A 18 3.40 2.53 12.88
C PRO A 18 4.44 3.58 13.26
N GLY A 19 4.13 4.41 14.23
CA GLY A 19 5.07 5.49 14.63
C GLY A 19 4.43 6.82 14.23
N THR A 20 3.75 6.83 13.11
CA THR A 20 3.06 8.06 12.62
C THR A 20 1.59 7.96 13.02
N SER A 21 0.90 9.06 13.12
CA SER A 21 -0.55 9.01 13.52
C SER A 21 -1.40 9.94 12.67
N CYS A 22 -2.58 9.52 12.30
CA CYS A 22 -3.48 10.36 11.48
C CYS A 22 -3.88 11.58 12.30
N LYS A 23 -4.00 12.71 11.65
CA LYS A 23 -4.38 13.96 12.36
C LYS A 23 -5.33 14.76 11.47
N ALA A 24 -5.82 15.88 11.94
CA ALA A 24 -6.75 16.72 11.12
C ALA A 24 -6.21 18.15 11.06
N GLU A 25 -6.55 18.88 10.02
CA GLU A 25 -6.07 20.28 9.91
C GLU A 25 -7.26 21.22 9.76
N SER A 26 -6.99 22.49 9.70
CA SER A 26 -8.06 23.51 9.57
C SER A 26 -8.64 23.44 8.16
N ASN A 27 -7.83 23.12 7.19
CA ASN A 27 -8.32 23.04 5.77
C ASN A 27 -9.44 22.01 5.65
N GLY A 28 -9.57 21.12 6.61
CA GLY A 28 -10.65 20.10 6.55
C GLY A 28 -10.08 18.74 6.12
N VAL A 29 -8.86 18.71 5.64
CA VAL A 29 -8.27 17.41 5.20
C VAL A 29 -7.35 16.88 6.31
N SER A 30 -7.27 15.58 6.44
CA SER A 30 -6.42 14.99 7.49
C SER A 30 -5.13 14.41 6.89
N TYR A 31 -4.04 14.51 7.60
CA TYR A 31 -2.75 13.97 7.10
C TYR A 31 -2.00 13.34 8.26
N CYS A 32 -1.23 12.32 7.98
CA CYS A 32 -0.43 11.66 9.06
C CYS A 32 0.69 12.60 9.48
N ARG A 33 1.28 12.35 10.61
CA ARG A 33 2.39 13.20 11.11
C ARG A 33 3.29 12.30 11.95
N LYS A 34 4.51 12.15 11.55
CA LYS A 34 5.45 11.26 12.33
C LYS A 34 5.58 11.78 13.77
N ASP A 35 5.65 10.87 14.70
CA ASP A 35 5.77 11.28 16.14
C ASP A 35 7.01 12.13 16.34
N GLU A 36 7.19 12.69 17.52
CA GLU A 36 8.38 13.54 17.78
C GLU A 36 9.32 12.81 18.76
N PRO A 37 10.47 12.36 18.29
CA PRO A 37 11.48 11.64 19.12
C PRO A 37 12.40 12.64 19.84
N ALA A 1 -2.82 -5.05 7.33
CA ALA A 1 -2.45 -4.27 6.12
C ALA A 1 -2.95 -5.01 4.87
N ILE A 2 -3.15 -4.29 3.79
CA ILE A 2 -3.62 -4.94 2.53
C ILE A 2 -2.58 -5.94 2.05
N CYS A 3 -3.00 -6.97 1.35
CA CYS A 3 -2.04 -7.98 0.84
C CYS A 3 -2.14 -8.06 -0.68
N THR A 4 -1.30 -8.85 -1.31
CA THR A 4 -1.33 -8.97 -2.79
C THR A 4 -2.44 -9.94 -3.20
N GLY A 5 -2.25 -11.21 -2.96
CA GLY A 5 -3.30 -12.21 -3.34
C GLY A 5 -2.65 -13.39 -4.07
N ALA A 6 -3.13 -14.58 -3.81
CA ALA A 6 -2.56 -15.80 -4.47
C ALA A 6 -2.53 -15.60 -5.99
N ASP A 7 -1.82 -16.45 -6.68
CA ASP A 7 -1.73 -16.37 -8.17
C ASP A 7 -1.35 -14.95 -8.63
N ARG A 8 -0.72 -14.18 -7.79
CA ARG A 8 -0.33 -12.79 -8.19
C ARG A 8 1.16 -12.59 -7.86
N PRO A 9 1.79 -11.62 -8.48
CA PRO A 9 3.25 -11.31 -8.27
C PRO A 9 3.46 -10.56 -6.95
N CYS A 10 4.33 -11.07 -6.10
CA CYS A 10 4.60 -10.41 -4.79
C CYS A 10 5.00 -8.94 -5.01
N ALA A 11 5.09 -8.17 -3.97
CA ALA A 11 5.47 -6.73 -4.13
C ALA A 11 6.51 -6.34 -3.08
N ALA A 12 7.27 -5.31 -3.33
CA ALA A 12 8.31 -4.86 -2.36
C ALA A 12 7.70 -4.67 -0.97
N CYS A 13 6.81 -3.71 -0.83
CA CYS A 13 6.16 -3.44 0.50
C CYS A 13 5.61 -4.74 1.10
N CYS A 14 4.96 -5.55 0.30
CA CYS A 14 3.70 -6.17 0.76
C CYS A 14 3.79 -7.70 0.60
N PRO A 15 3.45 -8.44 1.64
CA PRO A 15 3.50 -9.94 1.61
C PRO A 15 2.21 -10.49 1.00
N CYS A 16 2.18 -11.77 0.73
CA CYS A 16 0.96 -12.38 0.13
C CYS A 16 -0.15 -12.42 1.19
N CYS A 17 -1.38 -12.52 0.76
CA CYS A 17 -2.53 -12.57 1.72
C CYS A 17 -2.34 -13.75 2.69
N PRO A 18 -3.12 -13.79 3.75
CA PRO A 18 -3.05 -14.90 4.77
C PRO A 18 -3.58 -16.19 4.15
N GLY A 19 -2.72 -17.16 4.00
CA GLY A 19 -3.13 -18.45 3.37
C GLY A 19 -2.22 -18.68 2.16
N THR A 20 -1.88 -17.62 1.48
CA THR A 20 -0.98 -17.71 0.30
C THR A 20 0.44 -17.35 0.75
N SER A 21 1.43 -17.85 0.06
CA SER A 21 2.85 -17.54 0.47
C SER A 21 3.65 -17.04 -0.73
N CYS A 22 4.69 -16.26 -0.48
CA CYS A 22 5.53 -15.75 -1.61
C CYS A 22 6.68 -16.72 -1.87
N LYS A 23 6.84 -17.10 -3.10
CA LYS A 23 7.93 -18.05 -3.47
C LYS A 23 8.55 -17.64 -4.81
N ALA A 24 9.85 -17.54 -4.86
CA ALA A 24 10.51 -17.13 -6.14
C ALA A 24 10.44 -18.29 -7.14
N GLU A 25 10.67 -18.03 -8.40
CA GLU A 25 10.62 -19.09 -9.42
C GLU A 25 11.90 -19.06 -10.25
N SER A 26 12.01 -19.93 -11.21
CA SER A 26 13.22 -19.98 -12.08
C SER A 26 13.23 -18.76 -13.00
N ASN A 27 12.08 -18.28 -13.38
CA ASN A 27 12.00 -17.10 -14.29
C ASN A 27 12.72 -15.90 -13.66
N GLY A 28 12.91 -15.92 -12.37
CA GLY A 28 13.60 -14.77 -11.70
C GLY A 28 12.60 -13.94 -10.90
N VAL A 29 11.34 -14.00 -11.25
CA VAL A 29 10.31 -13.21 -10.52
C VAL A 29 9.60 -14.10 -9.50
N SER A 30 9.10 -13.52 -8.44
CA SER A 30 8.41 -14.32 -7.40
C SER A 30 6.91 -14.02 -7.44
N TYR A 31 6.10 -15.01 -7.19
CA TYR A 31 4.62 -14.81 -7.20
C TYR A 31 4.01 -15.50 -6.00
N CYS A 32 2.82 -15.11 -5.62
CA CYS A 32 2.13 -15.77 -4.48
C CYS A 32 1.40 -16.98 -5.01
N ARG A 33 1.22 -17.98 -4.19
CA ARG A 33 0.52 -19.20 -4.61
C ARG A 33 -0.14 -19.80 -3.37
N LYS A 34 -1.40 -20.13 -3.45
CA LYS A 34 -2.11 -20.69 -2.26
C LYS A 34 -1.34 -21.90 -1.71
N ASP A 35 -1.41 -22.11 -0.42
CA ASP A 35 -0.69 -23.25 0.20
C ASP A 35 -1.19 -24.57 -0.40
N GLU A 36 -0.39 -25.61 -0.33
CA GLU A 36 -0.81 -26.92 -0.88
C GLU A 36 -0.39 -28.04 0.07
N PRO A 37 -1.19 -28.28 1.10
CA PRO A 37 -0.93 -29.33 2.12
C PRO A 37 -1.50 -30.68 1.67
N ALA A 1 -2.44 -1.67 9.59
CA ALA A 1 -2.48 -1.86 8.11
C ALA A 1 -1.49 -0.91 7.45
N ILE A 2 -1.13 -1.18 6.22
CA ILE A 2 -0.17 -0.30 5.50
C ILE A 2 -0.83 1.04 5.19
N CYS A 3 -0.08 2.10 5.19
CA CYS A 3 -0.65 3.44 4.90
C CYS A 3 0.07 4.05 3.70
N THR A 4 -0.38 5.19 3.24
CA THR A 4 0.27 5.85 2.07
C THR A 4 1.52 6.61 2.55
N GLY A 5 1.34 7.74 3.18
CA GLY A 5 2.52 8.52 3.67
C GLY A 5 2.32 10.01 3.39
N ALA A 6 2.76 10.85 4.28
CA ALA A 6 2.61 12.32 4.09
C ALA A 6 3.17 12.74 2.73
N ASP A 7 2.86 13.93 2.31
CA ASP A 7 3.36 14.45 0.99
C ASP A 7 3.13 13.44 -0.14
N ARG A 8 2.16 12.58 0.00
CA ARG A 8 1.88 11.56 -1.07
C ARG A 8 0.38 11.59 -1.40
N PRO A 9 0.00 11.09 -2.56
CA PRO A 9 -1.42 11.04 -3.01
C PRO A 9 -2.20 9.94 -2.29
N CYS A 10 -3.32 10.28 -1.68
CA CYS A 10 -4.14 9.25 -0.95
C CYS A 10 -4.46 8.09 -1.89
N ALA A 11 -5.01 7.01 -1.38
CA ALA A 11 -5.34 5.84 -2.23
C ALA A 11 -6.77 5.38 -1.95
N ALA A 12 -7.38 4.69 -2.90
CA ALA A 12 -8.78 4.21 -2.72
C ALA A 12 -8.91 3.44 -1.39
N CYS A 13 -8.27 2.30 -1.29
CA CYS A 13 -8.34 1.49 -0.03
C CYS A 13 -8.05 2.36 1.20
N CYS A 14 -7.03 3.17 1.12
CA CYS A 14 -6.07 3.26 2.26
C CYS A 14 -5.98 4.72 2.73
N PRO A 15 -5.99 4.94 4.04
CA PRO A 15 -5.90 6.30 4.63
C PRO A 15 -4.43 6.72 4.76
N CYS A 16 -4.18 7.96 5.08
CA CYS A 16 -2.77 8.42 5.22
C CYS A 16 -2.16 7.81 6.48
N CYS A 17 -0.85 7.75 6.54
CA CYS A 17 -0.16 7.16 7.73
C CYS A 17 -0.60 7.91 9.00
N PRO A 18 -0.29 7.38 10.17
CA PRO A 18 -0.64 8.02 11.47
C PRO A 18 0.18 9.30 11.65
N GLY A 19 -0.49 10.41 11.82
CA GLY A 19 0.21 11.72 11.95
C GLY A 19 -0.13 12.56 10.72
N THR A 20 -0.23 11.91 9.59
CA THR A 20 -0.60 12.61 8.33
C THR A 20 -2.09 12.37 8.07
N SER A 21 -2.72 13.24 7.34
CA SER A 21 -4.19 13.05 7.06
C SER A 21 -4.48 13.26 5.57
N CYS A 22 -5.61 12.76 5.11
CA CYS A 22 -5.97 12.94 3.67
C CYS A 22 -6.82 14.20 3.51
N LYS A 23 -6.45 15.02 2.57
CA LYS A 23 -7.20 16.29 2.34
C LYS A 23 -7.29 16.57 0.83
N ALA A 24 -8.47 16.74 0.31
CA ALA A 24 -8.63 17.02 -1.15
C ALA A 24 -8.05 18.40 -1.46
N GLU A 25 -7.83 18.69 -2.72
CA GLU A 25 -7.27 20.00 -3.10
C GLU A 25 -8.10 20.62 -4.23
N SER A 26 -7.71 21.78 -4.68
CA SER A 26 -8.45 22.46 -5.77
C SER A 26 -8.20 21.72 -7.09
N ASN A 27 -7.03 21.16 -7.25
CA ASN A 27 -6.71 20.43 -8.51
C ASN A 27 -7.70 19.27 -8.74
N GLY A 28 -8.40 18.86 -7.71
CA GLY A 28 -9.38 17.75 -7.87
C GLY A 28 -8.82 16.47 -7.23
N VAL A 29 -7.52 16.38 -7.09
CA VAL A 29 -6.92 15.15 -6.48
C VAL A 29 -6.60 15.42 -5.02
N SER A 30 -6.62 14.38 -4.21
CA SER A 30 -6.33 14.56 -2.76
C SER A 30 -4.95 14.00 -2.43
N TYR A 31 -4.26 14.64 -1.51
CA TYR A 31 -2.90 14.16 -1.12
C TYR A 31 -2.79 14.20 0.40
N CYS A 32 -1.87 13.45 0.96
CA CYS A 32 -1.70 13.46 2.43
C CYS A 32 -0.73 14.57 2.80
N ARG A 33 -0.84 15.07 3.99
CA ARG A 33 0.07 16.14 4.47
C ARG A 33 0.24 15.93 5.97
N LYS A 34 1.46 15.83 6.43
CA LYS A 34 1.69 15.60 7.89
C LYS A 34 0.98 16.67 8.73
N ASP A 35 -0.19 16.36 9.20
CA ASP A 35 -0.96 17.33 10.01
C ASP A 35 -0.45 17.30 11.46
N GLU A 36 -1.02 18.13 12.31
CA GLU A 36 -0.58 18.16 13.73
C GLU A 36 -1.83 18.27 14.65
N PRO A 37 -2.55 17.17 14.80
CA PRO A 37 -3.78 17.11 15.64
C PRO A 37 -3.42 16.80 17.10
N ALA A 1 -5.62 -5.24 7.05
CA ALA A 1 -4.42 -4.66 6.38
C ALA A 1 -4.49 -4.97 4.87
N ILE A 2 -3.73 -4.26 4.08
CA ILE A 2 -3.74 -4.48 2.61
C ILE A 2 -3.23 -5.90 2.31
N CYS A 3 -3.88 -6.59 1.42
CA CYS A 3 -3.45 -7.98 1.09
C CYS A 3 -3.24 -8.09 -0.43
N THR A 4 -2.88 -9.27 -0.88
CA THR A 4 -2.66 -9.48 -2.34
C THR A 4 -3.97 -9.91 -3.00
N GLY A 5 -4.42 -11.10 -2.71
CA GLY A 5 -5.69 -11.59 -3.31
C GLY A 5 -5.49 -13.01 -3.84
N ALA A 6 -6.49 -13.84 -3.70
CA ALA A 6 -6.38 -15.25 -4.19
C ALA A 6 -5.94 -15.27 -5.66
N ASP A 7 -5.51 -16.41 -6.12
CA ASP A 7 -5.06 -16.55 -7.54
C ASP A 7 -4.07 -15.45 -7.94
N ARG A 8 -3.36 -14.90 -6.97
CA ARG A 8 -2.37 -13.83 -7.29
C ARG A 8 -1.03 -14.18 -6.61
N PRO A 9 0.06 -13.61 -7.10
CA PRO A 9 1.43 -13.86 -6.55
C PRO A 9 1.65 -13.12 -5.23
N CYS A 10 2.04 -13.82 -4.18
CA CYS A 10 2.29 -13.16 -2.86
C CYS A 10 3.28 -12.00 -3.03
N ALA A 11 3.47 -11.21 -2.01
CA ALA A 11 4.42 -10.06 -2.12
C ALA A 11 5.19 -9.90 -0.80
N ALA A 12 6.34 -9.25 -0.86
CA ALA A 12 7.17 -9.04 0.36
C ALA A 12 6.33 -8.41 1.48
N CYS A 13 5.89 -7.19 1.29
CA CYS A 13 5.07 -6.49 2.35
C CYS A 13 3.90 -7.38 2.80
N CYS A 14 3.26 -8.04 1.87
CA CYS A 14 1.78 -8.11 1.92
C CYS A 14 1.35 -9.58 1.84
N PRO A 15 0.61 -10.05 2.83
CA PRO A 15 0.13 -11.47 2.88
C PRO A 15 -1.15 -11.62 2.07
N CYS A 16 -1.58 -12.83 1.85
CA CYS A 16 -2.82 -13.06 1.06
C CYS A 16 -4.02 -12.52 1.85
N CYS A 17 -5.06 -12.14 1.17
CA CYS A 17 -6.28 -11.60 1.84
C CYS A 17 -6.83 -12.63 2.85
N PRO A 18 -7.74 -12.22 3.71
CA PRO A 18 -8.35 -13.14 4.73
C PRO A 18 -9.25 -14.16 4.02
N GLY A 19 -8.86 -15.40 4.04
CA GLY A 19 -9.63 -16.47 3.34
C GLY A 19 -8.67 -17.20 2.40
N THR A 20 -7.81 -16.44 1.78
CA THR A 20 -6.79 -17.03 0.86
C THR A 20 -5.48 -17.17 1.63
N SER A 21 -4.62 -18.07 1.23
CA SER A 21 -3.34 -18.25 1.98
C SER A 21 -2.15 -18.31 1.00
N CYS A 22 -1.00 -17.88 1.43
CA CYS A 22 0.21 -17.93 0.55
C CYS A 22 0.80 -19.33 0.58
N LYS A 23 1.09 -19.86 -0.57
CA LYS A 23 1.68 -21.23 -0.65
C LYS A 23 2.72 -21.27 -1.76
N ALA A 24 3.93 -21.67 -1.45
CA ALA A 24 4.99 -21.74 -2.48
C ALA A 24 4.68 -22.88 -3.46
N GLU A 25 5.32 -22.89 -4.59
CA GLU A 25 5.08 -23.96 -5.59
C GLU A 25 6.41 -24.58 -6.01
N SER A 26 6.35 -25.57 -6.86
CA SER A 26 7.60 -26.24 -7.33
C SER A 26 8.36 -25.30 -8.26
N ASN A 27 7.64 -24.50 -9.03
CA ASN A 27 8.31 -23.55 -9.96
C ASN A 27 9.26 -22.61 -9.21
N GLY A 28 9.08 -22.47 -7.92
CA GLY A 28 9.98 -21.58 -7.12
C GLY A 28 9.23 -20.31 -6.70
N VAL A 29 8.15 -19.98 -7.37
CA VAL A 29 7.40 -18.75 -7.01
C VAL A 29 6.19 -19.13 -6.16
N SER A 30 5.77 -18.25 -5.29
CA SER A 30 4.60 -18.55 -4.41
C SER A 30 3.40 -17.69 -4.83
N TYR A 31 2.22 -18.24 -4.77
CA TYR A 31 1.00 -17.47 -5.14
C TYR A 31 -0.09 -17.75 -4.10
N CYS A 32 -1.05 -16.87 -3.99
CA CYS A 32 -2.16 -17.09 -3.03
C CYS A 32 -3.20 -17.98 -3.69
N ARG A 33 -3.96 -18.69 -2.91
CA ARG A 33 -5.01 -19.56 -3.46
C ARG A 33 -6.12 -19.66 -2.43
N LYS A 34 -7.35 -19.44 -2.81
CA LYS A 34 -8.47 -19.51 -1.83
C LYS A 34 -8.47 -20.87 -1.13
N ASP A 35 -8.84 -20.88 0.13
CA ASP A 35 -8.86 -22.16 0.90
C ASP A 35 -9.85 -23.14 0.25
N GLU A 36 -9.85 -24.37 0.69
CA GLU A 36 -10.78 -25.38 0.11
C GLU A 36 -11.07 -26.47 1.15
N PRO A 37 -12.04 -26.22 2.02
CA PRO A 37 -12.44 -27.17 3.10
C PRO A 37 -13.49 -28.16 2.58
N ALA A 1 -2.69 -4.22 7.31
CA ALA A 1 -3.15 -3.30 6.24
C ALA A 1 -2.02 -2.36 5.83
N ILE A 2 -1.65 -2.35 4.59
CA ILE A 2 -0.55 -1.46 4.12
C ILE A 2 -1.05 -0.01 4.05
N CYS A 3 -0.24 0.92 4.48
CA CYS A 3 -0.67 2.35 4.44
C CYS A 3 0.24 3.13 3.48
N THR A 4 0.01 4.40 3.34
CA THR A 4 0.84 5.23 2.42
C THR A 4 2.01 5.83 3.21
N GLY A 5 1.73 6.78 4.08
CA GLY A 5 2.81 7.41 4.88
C GLY A 5 2.65 8.93 4.84
N ALA A 6 2.95 9.58 5.93
CA ALA A 6 2.82 11.08 5.98
C ALA A 6 3.57 11.71 4.81
N ASP A 7 3.32 12.97 4.56
CA ASP A 7 4.02 13.69 3.46
C ASP A 7 3.94 12.90 2.14
N ARG A 8 2.94 12.06 1.98
CA ARG A 8 2.81 11.28 0.71
C ARG A 8 1.36 11.37 0.21
N PRO A 9 1.14 11.10 -1.05
CA PRO A 9 -0.23 11.17 -1.69
C PRO A 9 -1.07 9.95 -1.31
N CYS A 10 -2.28 10.17 -0.84
CA CYS A 10 -3.17 9.04 -0.47
C CYS A 10 -3.41 8.14 -1.69
N ALA A 11 -4.08 7.04 -1.51
CA ALA A 11 -4.32 6.11 -2.67
C ALA A 11 -5.65 5.39 -2.47
N ALA A 12 -6.21 4.86 -3.54
CA ALA A 12 -7.51 4.12 -3.45
C ALA A 12 -7.45 3.04 -2.37
N CYS A 13 -6.65 2.02 -2.58
CA CYS A 13 -6.54 0.90 -1.58
C CYS A 13 -6.26 1.47 -0.18
N CYS A 14 -5.43 2.46 -0.09
CA CYS A 14 -4.42 2.47 0.99
C CYS A 14 -4.52 3.81 1.74
N PRO A 15 -4.97 3.79 2.99
CA PRO A 15 -5.11 5.02 3.81
C PRO A 15 -3.77 5.42 4.42
N CYS A 16 -3.70 6.59 5.00
CA CYS A 16 -2.41 7.04 5.61
C CYS A 16 -2.06 6.13 6.79
N CYS A 17 -0.80 5.97 7.06
CA CYS A 17 -0.34 5.11 8.19
C CYS A 17 -0.97 5.61 9.50
N PRO A 18 -0.89 4.82 10.56
CA PRO A 18 -1.45 5.21 11.90
C PRO A 18 -0.61 6.35 12.49
N GLY A 19 -1.22 7.49 12.65
CA GLY A 19 -0.49 8.69 13.17
C GLY A 19 -0.66 9.80 12.14
N THR A 20 -0.61 9.43 10.89
CA THR A 20 -0.78 10.42 9.79
C THR A 20 -2.23 10.34 9.32
N SER A 21 -2.75 11.39 8.73
CA SER A 21 -4.18 11.36 8.28
C SER A 21 -4.29 11.81 6.82
N CYS A 22 -5.31 11.36 6.13
CA CYS A 22 -5.50 11.76 4.71
C CYS A 22 -6.34 13.03 4.65
N LYS A 23 -5.90 13.96 3.86
CA LYS A 23 -6.64 15.26 3.72
C LYS A 23 -6.62 15.70 2.26
N ALA A 24 -7.22 16.82 1.95
CA ALA A 24 -7.24 17.31 0.55
C ALA A 24 -6.51 18.65 0.48
N GLU A 25 -6.07 19.04 -0.70
CA GLU A 25 -5.36 20.33 -0.85
C GLU A 25 -6.08 21.18 -1.90
N SER A 26 -5.60 22.37 -2.12
CA SER A 26 -6.23 23.27 -3.11
C SER A 26 -5.95 22.75 -4.52
N ASN A 27 -4.79 22.17 -4.74
CA ASN A 27 -4.44 21.63 -6.08
C ASN A 27 -5.48 20.60 -6.54
N GLY A 28 -6.22 20.04 -5.62
CA GLY A 28 -7.26 19.03 -6.00
C GLY A 28 -6.79 17.62 -5.61
N VAL A 29 -5.53 17.45 -5.32
CA VAL A 29 -5.04 16.09 -4.93
C VAL A 29 -4.94 15.99 -3.40
N SER A 30 -5.15 14.82 -2.87
CA SER A 30 -5.09 14.64 -1.41
C SER A 30 -3.74 14.01 -1.01
N TYR A 31 -3.23 14.40 0.12
CA TYR A 31 -1.93 13.84 0.60
C TYR A 31 -2.01 13.59 2.10
N CYS A 32 -1.17 12.74 2.61
CA CYS A 32 -1.17 12.47 4.07
C CYS A 32 -0.27 13.50 4.74
N ARG A 33 -0.49 13.74 6.00
CA ARG A 33 0.33 14.72 6.74
C ARG A 33 0.34 14.27 8.20
N LYS A 34 1.50 14.13 8.78
CA LYS A 34 1.58 13.66 10.20
C LYS A 34 0.75 14.58 11.10
N ASP A 35 0.18 14.02 12.13
CA ASP A 35 -0.66 14.83 13.06
C ASP A 35 0.21 15.88 13.77
N GLU A 36 -0.37 16.63 14.66
CA GLU A 36 0.40 17.67 15.40
C GLU A 36 -0.12 17.78 16.84
N PRO A 37 0.67 18.38 17.71
CA PRO A 37 0.31 18.56 19.15
C PRO A 37 -0.52 19.84 19.34
N ALA A 1 -0.18 -4.66 7.28
CA ALA A 1 -0.98 -4.30 6.07
C ALA A 1 -1.26 -5.55 5.25
N ILE A 2 -2.31 -5.53 4.46
CA ILE A 2 -2.66 -6.71 3.63
C ILE A 2 -1.99 -6.60 2.25
N CYS A 3 -1.74 -7.71 1.62
CA CYS A 3 -1.09 -7.67 0.27
C CYS A 3 -2.04 -8.29 -0.76
N THR A 4 -1.70 -8.19 -2.02
CA THR A 4 -2.57 -8.76 -3.09
C THR A 4 -2.32 -10.27 -3.20
N GLY A 5 -1.18 -10.66 -3.72
CA GLY A 5 -0.87 -12.11 -3.85
C GLY A 5 -0.34 -12.41 -5.24
N ALA A 6 0.63 -13.29 -5.34
CA ALA A 6 1.22 -13.64 -6.66
C ALA A 6 0.11 -14.04 -7.64
N ASP A 7 0.44 -14.13 -8.90
CA ASP A 7 -0.56 -14.52 -9.93
C ASP A 7 -1.84 -13.67 -9.82
N ARG A 8 -1.74 -12.49 -9.26
CA ARG A 8 -2.95 -11.62 -9.13
C ARG A 8 -2.58 -10.19 -9.60
N PRO A 9 -3.57 -9.41 -9.97
CA PRO A 9 -3.35 -8.01 -10.46
C PRO A 9 -3.03 -7.05 -9.30
N CYS A 10 -1.93 -6.34 -9.40
CA CYS A 10 -1.54 -5.38 -8.32
C CYS A 10 -2.68 -4.41 -8.05
N ALA A 11 -2.56 -3.59 -7.03
CA ALA A 11 -3.65 -2.61 -6.71
C ALA A 11 -3.04 -1.24 -6.41
N ALA A 12 -3.83 -0.21 -6.52
CA ALA A 12 -3.33 1.18 -6.26
C ALA A 12 -2.64 1.23 -4.88
N CYS A 13 -3.39 1.05 -3.81
CA CYS A 13 -2.79 1.10 -2.44
C CYS A 13 -1.56 0.18 -2.35
N CYS A 14 -1.67 -1.02 -2.88
CA CYS A 14 -1.16 -2.20 -2.12
C CYS A 14 -0.14 -2.96 -2.98
N PRO A 15 0.98 -3.34 -2.40
CA PRO A 15 2.05 -4.09 -3.11
C PRO A 15 1.75 -5.59 -3.07
N CYS A 16 2.49 -6.37 -3.81
CA CYS A 16 2.26 -7.84 -3.82
C CYS A 16 2.74 -8.44 -2.49
N CYS A 17 2.24 -9.59 -2.14
CA CYS A 17 2.64 -10.26 -0.86
C CYS A 17 4.17 -10.45 -0.84
N PRO A 18 4.73 -10.80 0.30
CA PRO A 18 6.20 -11.03 0.44
C PRO A 18 6.58 -12.30 -0.34
N GLY A 19 7.61 -12.22 -1.15
CA GLY A 19 8.01 -13.39 -1.97
C GLY A 19 7.56 -13.12 -3.41
N THR A 20 6.44 -12.46 -3.55
CA THR A 20 5.90 -12.12 -4.89
C THR A 20 6.26 -10.66 -5.19
N SER A 21 6.30 -10.28 -6.44
CA SER A 21 6.67 -8.86 -6.78
C SER A 21 5.69 -8.28 -7.80
N CYS A 22 5.61 -6.97 -7.89
CA CYS A 22 4.68 -6.33 -8.87
C CYS A 22 5.47 -5.93 -10.11
N LYS A 23 4.98 -6.31 -11.26
CA LYS A 23 5.68 -5.97 -12.53
C LYS A 23 4.65 -5.66 -13.62
N ALA A 24 4.78 -4.52 -14.27
CA ALA A 24 3.81 -4.15 -15.34
C ALA A 24 3.97 -5.09 -16.53
N GLU A 25 3.04 -5.10 -17.44
CA GLU A 25 3.12 -5.99 -18.62
C GLU A 25 2.87 -5.16 -19.88
N SER A 26 2.93 -5.80 -21.02
CA SER A 26 2.70 -5.09 -22.32
C SER A 26 1.22 -4.72 -22.44
N ASN A 27 0.34 -5.54 -21.91
CA ASN A 27 -1.12 -5.24 -21.99
C ASN A 27 -1.44 -3.88 -21.34
N GLY A 28 -0.56 -3.39 -20.51
CA GLY A 28 -0.80 -2.07 -19.86
C GLY A 28 -1.13 -2.27 -18.38
N VAL A 29 -1.59 -3.45 -18.01
CA VAL A 29 -1.93 -3.72 -16.58
C VAL A 29 -0.78 -4.47 -15.92
N SER A 30 -0.61 -4.28 -14.65
CA SER A 30 0.50 -4.98 -13.93
C SER A 30 -0.07 -6.10 -13.07
N TYR A 31 0.68 -7.17 -12.92
CA TYR A 31 0.22 -8.31 -12.09
C TYR A 31 1.36 -8.79 -11.21
N CYS A 32 1.06 -9.51 -10.17
CA CYS A 32 2.13 -10.03 -9.29
C CYS A 32 2.58 -11.39 -9.82
N ARG A 33 3.76 -11.79 -9.46
CA ARG A 33 4.29 -13.10 -9.89
C ARG A 33 5.24 -13.59 -8.81
N LYS A 34 4.98 -14.73 -8.24
CA LYS A 34 5.86 -15.25 -7.15
C LYS A 34 7.31 -15.31 -7.60
N ASP A 35 8.07 -14.28 -7.34
CA ASP A 35 9.51 -14.26 -7.73
C ASP A 35 10.23 -13.14 -6.98
N GLU A 36 11.54 -13.17 -7.00
CA GLU A 36 12.32 -12.10 -6.29
C GLU A 36 12.59 -10.94 -7.24
N PRO A 37 12.88 -9.77 -6.69
CA PRO A 37 13.17 -8.53 -7.48
C PRO A 37 14.66 -8.48 -7.87
N ALA A 1 -4.47 -4.82 7.84
CA ALA A 1 -3.85 -4.80 6.48
C ALA A 1 -4.83 -4.19 5.48
N ILE A 2 -4.35 -3.75 4.35
CA ILE A 2 -5.24 -3.14 3.33
C ILE A 2 -6.08 -4.23 2.67
N CYS A 3 -7.29 -3.90 2.25
CA CYS A 3 -8.16 -4.91 1.60
C CYS A 3 -8.56 -4.42 0.22
N THR A 4 -9.26 -5.24 -0.53
CA THR A 4 -9.68 -4.82 -1.90
C THR A 4 -10.97 -4.00 -1.80
N GLY A 5 -12.06 -4.63 -1.45
CA GLY A 5 -13.35 -3.87 -1.33
C GLY A 5 -14.45 -4.58 -2.12
N ALA A 6 -15.65 -4.57 -1.58
CA ALA A 6 -16.80 -5.23 -2.28
C ALA A 6 -16.89 -4.73 -3.73
N ASP A 7 -17.68 -5.39 -4.52
CA ASP A 7 -17.85 -4.99 -5.95
C ASP A 7 -16.49 -4.80 -6.65
N ARG A 8 -15.46 -5.44 -6.15
CA ARG A 8 -14.11 -5.30 -6.79
C ARG A 8 -13.52 -6.71 -6.96
N PRO A 9 -12.56 -6.85 -7.87
CA PRO A 9 -11.90 -8.16 -8.16
C PRO A 9 -10.88 -8.51 -7.06
N CYS A 10 -11.02 -9.67 -6.47
CA CYS A 10 -10.07 -10.10 -5.39
C CYS A 10 -8.63 -10.03 -5.92
N ALA A 11 -7.67 -10.23 -5.05
CA ALA A 11 -6.24 -10.18 -5.50
C ALA A 11 -5.46 -11.34 -4.90
N ALA A 12 -4.34 -11.68 -5.48
CA ALA A 12 -3.50 -12.80 -4.96
C ALA A 12 -3.23 -12.63 -3.46
N CYS A 13 -2.49 -11.62 -3.10
CA CYS A 13 -2.17 -11.37 -1.65
C CYS A 13 -3.45 -11.37 -0.81
N CYS A 14 -4.48 -10.72 -1.27
CA CYS A 14 -5.26 -9.83 -0.36
C CYS A 14 -6.74 -10.25 -0.40
N PRO A 15 -7.36 -10.40 0.76
CA PRO A 15 -8.79 -10.79 0.87
C PRO A 15 -9.69 -9.56 0.76
N CYS A 16 -10.97 -9.76 0.63
CA CYS A 16 -11.89 -8.59 0.52
C CYS A 16 -11.96 -7.88 1.87
N CYS A 17 -12.40 -6.64 1.86
CA CYS A 17 -12.51 -5.86 3.13
C CYS A 17 -13.40 -6.60 4.13
N PRO A 18 -13.39 -6.18 5.39
CA PRO A 18 -14.23 -6.81 6.46
C PRO A 18 -15.71 -6.48 6.20
N GLY A 19 -16.50 -7.49 5.96
CA GLY A 19 -17.94 -7.27 5.66
C GLY A 19 -18.22 -7.83 4.26
N THR A 20 -17.26 -7.67 3.39
CA THR A 20 -17.40 -8.20 2.00
C THR A 20 -16.70 -9.55 1.93
N SER A 21 -17.06 -10.39 0.99
CA SER A 21 -16.42 -11.74 0.90
C SER A 21 -15.92 -12.02 -0.52
N CYS A 22 -14.97 -12.91 -0.67
CA CYS A 22 -14.45 -13.24 -2.03
C CYS A 22 -15.13 -14.52 -2.53
N LYS A 23 -15.63 -14.47 -3.74
CA LYS A 23 -16.30 -15.67 -4.32
C LYS A 23 -15.97 -15.78 -5.80
N ALA A 24 -15.53 -16.93 -6.24
CA ALA A 24 -15.17 -17.11 -7.69
C ALA A 24 -16.44 -17.21 -8.52
N GLU A 25 -16.32 -17.05 -9.82
CA GLU A 25 -17.51 -17.14 -10.70
C GLU A 25 -17.23 -18.15 -11.82
N SER A 26 -18.16 -18.31 -12.72
CA SER A 26 -17.99 -19.27 -13.85
C SER A 26 -16.95 -18.72 -14.82
N ASN A 27 -16.89 -17.43 -14.97
CA ASN A 27 -15.90 -16.81 -15.91
C ASN A 27 -14.47 -17.22 -15.53
N GLY A 28 -14.26 -17.66 -14.31
CA GLY A 28 -12.89 -18.06 -13.88
C GLY A 28 -12.29 -17.00 -12.96
N VAL A 29 -12.79 -15.79 -13.01
CA VAL A 29 -12.25 -14.71 -12.13
C VAL A 29 -13.15 -14.55 -10.91
N SER A 30 -12.57 -14.17 -9.80
CA SER A 30 -13.37 -14.00 -8.56
C SER A 30 -13.47 -12.52 -8.20
N TYR A 31 -14.57 -12.12 -7.62
CA TYR A 31 -14.76 -10.69 -7.23
C TYR A 31 -15.35 -10.63 -5.83
N CYS A 32 -15.24 -9.51 -5.17
CA CYS A 32 -15.82 -9.38 -3.81
C CYS A 32 -17.27 -8.92 -3.96
N ARG A 33 -18.06 -9.15 -2.95
CA ARG A 33 -19.47 -8.72 -2.99
C ARG A 33 -19.89 -8.46 -1.55
N LYS A 34 -20.39 -7.29 -1.27
CA LYS A 34 -20.79 -6.96 0.13
C LYS A 34 -21.79 -7.97 0.65
N ASP A 35 -21.72 -8.26 1.92
CA ASP A 35 -22.65 -9.25 2.53
C ASP A 35 -24.01 -8.57 2.81
N GLU A 36 -24.90 -9.26 3.47
CA GLU A 36 -26.23 -8.66 3.77
C GLU A 36 -26.55 -8.88 5.27
N PRO A 37 -27.37 -8.00 5.83
CA PRO A 37 -27.79 -8.07 7.26
C PRO A 37 -28.99 -9.01 7.43
#